data_7LBS
#
_entry.id   7LBS
#
_cell.length_a   46.600
_cell.length_b   145.940
_cell.length_c   60.050
_cell.angle_alpha   90.000
_cell.angle_beta   99.780
_cell.angle_gamma   90.000
#
_symmetry.space_group_name_H-M   'P 1 21 1'
#
loop_
_entity.id
_entity.type
_entity.pdbx_description
1 polymer 'Non-structural protein 3'
2 non-polymer 5-[(azetidin-3-yl)amino]-2-methyl-N-[(1R)-1-(3-{5-[(pyrrolidin-1-yl)methyl]thiophen-2-yl}phenyl)ethyl]benzamide
3 non-polymer 'ZINC ION'
4 non-polymer 'SULFATE ION'
5 non-polymer 'BORIC ACID'
6 non-polymer GLYCEROL
7 water water
#
_entity_poly.entity_id   1
_entity_poly.type   'polypeptide(L)'
_entity_poly.pdbx_seq_one_letter_code
;SEVRTIKVFTTVDNINLHTQVVDMSMTYGQQFGPTYLDGADVTKIKPHNSHEGKTFYVLPNDDTLRVEAFEYYHTTDPSF
LGRYMSALNHTKKWKYPQVNGLTSIKWADNNCYLATALLTLQQIELKFNPPALQDAYYRARAGEAANFCALILAYCNKTV
GELGDVRETMSYLFQHANLDSCKRVLNVVCKTCGQQQTTLKGVEAVMYMGTLSYEQFKKGVQIPCTCGKQATKYLVQQES
PFVMMSAPPAQYELKHGTFTCASEYTGNYQCGHYKHITSKETLYCIDGALLTKSSEYKGPITDVFYKENSYTTTIK
;
_entity_poly.pdbx_strand_id   A,B
#
loop_
_chem_comp.id
_chem_comp.type
_chem_comp.name
_chem_comp.formula
BO3 non-polymer 'BORIC ACID' 'B H3 O3'
GOL non-polymer GLYCEROL 'C3 H8 O3'
SO4 non-polymer 'SULFATE ION' 'O4 S -2'
XR8 non-polymer 5-[(azetidin-3-yl)amino]-2-methyl-N-[(1R)-1-(3-{5-[(pyrrolidin-1-yl)methyl]thiophen-2-yl}phenyl)ethyl]benzamide 'C28 H34 N4 O S'
ZN non-polymer 'ZINC ION' 'Zn 2'
#
# COMPACT_ATOMS: atom_id res chain seq x y z
N SER A 1 -7.27 31.09 9.99
CA SER A 1 -5.91 30.47 10.17
C SER A 1 -5.38 29.85 8.85
N GLU A 2 -4.06 29.63 8.75
CA GLU A 2 -3.38 29.02 7.58
C GLU A 2 -3.52 27.49 7.63
N VAL A 3 -3.68 26.84 6.47
CA VAL A 3 -3.80 25.34 6.33
C VAL A 3 -2.40 24.75 6.14
N ARG A 4 -1.94 23.95 7.09
CA ARG A 4 -0.68 23.15 7.01
C ARG A 4 -1.07 21.68 6.81
N THR A 5 -0.26 20.91 6.11
CA THR A 5 -0.41 19.43 5.90
C THR A 5 0.96 18.72 5.99
N ILE A 6 0.92 17.41 6.17
CA ILE A 6 2.13 16.53 6.15
C ILE A 6 1.74 15.23 5.46
N LYS A 7 2.73 14.49 4.96
CA LYS A 7 2.45 13.20 4.28
C LYS A 7 2.72 12.08 5.27
N VAL A 8 1.76 11.17 5.44
CA VAL A 8 1.92 10.02 6.37
C VAL A 8 1.48 8.74 5.65
N PHE A 9 1.85 7.59 6.20
CA PHE A 9 1.45 6.29 5.61
C PHE A 9 0.42 5.64 6.53
N THR A 10 -0.68 5.17 5.95
CA THR A 10 -1.74 4.47 6.73
C THR A 10 -1.71 3.00 6.33
N THR A 11 -1.97 2.09 7.27
CA THR A 11 -1.94 0.64 6.95
C THR A 11 -2.63 -0.14 8.07
N VAL A 12 -2.87 -1.43 7.83
CA VAL A 12 -3.48 -2.35 8.82
C VAL A 12 -2.57 -3.58 9.04
N ASP A 13 -1.70 -3.90 8.07
CA ASP A 13 -0.81 -5.08 8.12
C ASP A 13 0.66 -4.63 8.31
N ASN A 14 0.92 -3.33 8.22
CA ASN A 14 2.29 -2.74 8.10
C ASN A 14 3.02 -3.38 6.90
N ILE A 15 2.25 -3.79 5.89
CA ILE A 15 2.76 -4.44 4.66
C ILE A 15 2.25 -3.69 3.42
N ASN A 16 0.96 -3.34 3.39
CA ASN A 16 0.36 -2.43 2.38
C ASN A 16 0.20 -1.05 2.99
N LEU A 17 1.11 -0.13 2.65
CA LEU A 17 1.10 1.27 3.15
C LEU A 17 0.40 2.16 2.13
N HIS A 18 -0.58 2.94 2.58
CA HIS A 18 -1.33 3.86 1.68
C HIS A 18 -0.97 5.30 2.07
N THR A 19 -0.32 6.02 1.15
CA THR A 19 0.10 7.42 1.41
C THR A 19 -1.14 8.27 1.66
N GLN A 20 -1.09 9.11 2.70
CA GLN A 20 -2.23 9.99 3.06
C GLN A 20 -1.71 11.39 3.42
N VAL A 21 -2.55 12.40 3.22
CA VAL A 21 -2.21 13.81 3.57
C VAL A 21 -3.04 14.18 4.80
N VAL A 22 -2.40 14.72 5.84
CA VAL A 22 -3.14 15.05 7.09
C VAL A 22 -3.12 16.56 7.34
N ASP A 23 -4.28 17.10 7.72
CA ASP A 23 -4.47 18.52 8.10
C ASP A 23 -3.95 18.70 9.53
N MET A 24 -2.87 19.46 9.72
CA MET A 24 -2.28 19.64 11.06
C MET A 24 -3.29 20.35 11.98
N SER A 25 -4.29 21.08 11.41
CA SER A 25 -5.42 21.75 12.14
C SER A 25 -6.22 20.71 12.91
N MET A 26 -6.49 19.55 12.30
CA MET A 26 -7.41 18.52 12.84
C MET A 26 -6.62 17.41 13.53
N THR A 27 -7.33 16.56 14.28
CA THR A 27 -6.70 15.42 14.99
C THR A 27 -6.71 14.19 14.07
N TYR A 28 -5.93 13.17 14.42
CA TYR A 28 -5.87 11.92 13.62
C TYR A 28 -7.24 11.25 13.64
N GLY A 29 -7.90 11.27 14.80
CA GLY A 29 -9.23 10.65 14.98
C GLY A 29 -10.31 11.25 14.09
N GLN A 30 -10.32 12.57 13.94
CA GLN A 30 -11.36 13.26 13.13
C GLN A 30 -11.32 12.81 11.67
N GLN A 31 -10.13 12.70 11.08
CA GLN A 31 -10.02 12.38 9.63
C GLN A 31 -9.74 10.90 9.34
N PHE A 32 -9.26 10.11 10.30
CA PHE A 32 -8.97 8.69 9.98
C PHE A 32 -9.72 7.70 10.88
N GLY A 33 -10.46 8.19 11.87
CA GLY A 33 -11.07 7.24 12.83
C GLY A 33 -10.02 6.84 13.86
N PRO A 34 -10.13 5.72 14.61
CA PRO A 34 -9.09 5.37 15.57
C PRO A 34 -7.76 5.21 14.82
N THR A 35 -6.71 5.86 15.33
CA THR A 35 -5.36 5.87 14.69
C THR A 35 -4.30 5.57 15.76
N TYR A 36 -3.29 4.75 15.43
CA TYR A 36 -2.23 4.39 16.41
C TYR A 36 -0.84 4.48 15.77
N LEU A 37 0.12 5.06 16.49
CA LEU A 37 1.55 5.13 16.04
C LEU A 37 2.39 4.34 17.04
N ASP A 38 2.98 3.22 16.59
CA ASP A 38 3.79 2.28 17.43
C ASP A 38 2.95 1.71 18.58
N GLY A 39 1.65 1.47 18.35
CA GLY A 39 0.73 0.95 19.36
C GLY A 39 0.20 2.03 20.30
N ALA A 40 0.55 3.30 20.06
CA ALA A 40 0.13 4.40 20.93
C ALA A 40 -1.07 5.11 20.30
N ASP A 41 -2.16 5.27 21.06
CA ASP A 41 -3.37 5.93 20.52
C ASP A 41 -3.02 7.38 20.17
N VAL A 42 -3.43 7.81 18.98
CA VAL A 42 -3.18 9.19 18.47
C VAL A 42 -4.49 9.70 17.88
N THR A 43 -5.59 9.05 18.27
CA THR A 43 -6.96 9.37 17.78
C THR A 43 -7.36 10.81 18.14
N LYS A 44 -6.86 11.31 19.28
CA LYS A 44 -7.21 12.68 19.75
C LYS A 44 -5.95 13.56 19.70
N ILE A 45 -4.92 13.11 18.99
CA ILE A 45 -3.65 13.87 18.90
C ILE A 45 -3.55 14.54 17.53
N LYS A 46 -3.29 15.85 17.51
CA LYS A 46 -3.10 16.60 16.23
C LYS A 46 -1.72 16.25 15.67
N PRO A 47 -1.54 16.17 14.34
CA PRO A 47 -0.26 15.79 13.75
C PRO A 47 0.91 16.74 14.06
N HIS A 48 2.12 16.18 14.08
CA HIS A 48 3.40 16.89 14.33
C HIS A 48 4.30 16.74 13.10
N ASN A 49 5.28 17.63 12.92
CA ASN A 49 6.24 17.64 11.79
C ASN A 49 7.05 16.34 11.78
N SER A 50 7.41 15.84 12.97
CA SER A 50 8.19 14.58 13.16
C SER A 50 7.45 13.36 12.59
N HIS A 51 6.12 13.37 12.67
CA HIS A 51 5.21 12.30 12.16
C HIS A 51 5.27 12.15 10.63
N GLU A 52 5.67 13.18 9.89
CA GLU A 52 5.68 13.08 8.40
C GLU A 52 6.55 11.89 7.95
N GLY A 53 5.98 11.06 7.08
CA GLY A 53 6.65 9.87 6.50
C GLY A 53 6.57 8.63 7.38
N LYS A 54 6.02 8.77 8.58
CA LYS A 54 5.90 7.64 9.54
C LYS A 54 4.67 6.79 9.21
N THR A 55 4.64 5.56 9.70
CA THR A 55 3.49 4.64 9.44
C THR A 55 2.52 4.70 10.64
N PHE A 56 1.23 4.71 10.33
CA PHE A 56 0.09 4.81 11.29
C PHE A 56 -0.90 3.68 11.01
N TYR A 57 -1.28 2.93 12.04
CA TYR A 57 -2.32 1.88 11.94
C TYR A 57 -3.70 2.55 12.05
N VAL A 58 -4.66 2.13 11.21
CA VAL A 58 -6.06 2.67 11.18
C VAL A 58 -7.04 1.50 11.22
N LEU A 59 -8.31 1.78 11.54
CA LEU A 59 -9.43 0.79 11.44
C LEU A 59 -9.90 0.67 10.00
N PRO A 60 -10.14 -0.56 9.51
CA PRO A 60 -10.77 -0.74 8.21
C PRO A 60 -12.13 -0.03 8.17
N ASN A 61 -12.25 0.95 7.29
CA ASN A 61 -13.51 1.72 7.07
C ASN A 61 -13.90 1.62 5.58
N ASP A 62 -13.02 1.12 4.72
CA ASP A 62 -13.28 0.81 3.28
C ASP A 62 -12.94 -0.65 3.03
N ASP A 63 -13.34 -1.20 1.89
CA ASP A 63 -13.29 -2.66 1.62
C ASP A 63 -11.84 -3.11 1.37
N THR A 64 -10.97 -2.24 0.87
CA THR A 64 -9.54 -2.57 0.62
C THR A 64 -8.93 -3.01 1.96
N LEU A 65 -9.15 -2.24 3.01
CA LEU A 65 -8.53 -2.45 4.35
C LEU A 65 -9.23 -3.62 5.06
N ARG A 66 -10.55 -3.74 4.91
CA ARG A 66 -11.34 -4.89 5.44
C ARG A 66 -10.69 -6.19 4.99
N VAL A 67 -10.43 -6.31 3.70
CA VAL A 67 -9.79 -7.52 3.10
C VAL A 67 -8.35 -7.62 3.64
N GLU A 68 -7.47 -6.67 3.34
CA GLU A 68 -6.03 -6.70 3.72
C GLU A 68 -5.88 -7.13 5.19
N ALA A 69 -6.79 -6.66 6.06
CA ALA A 69 -6.83 -6.97 7.51
C ALA A 69 -7.15 -8.46 7.70
N PHE A 70 -8.33 -8.92 7.27
CA PHE A 70 -8.77 -10.34 7.41
C PHE A 70 -7.66 -11.28 6.89
N GLU A 71 -7.03 -10.94 5.77
CA GLU A 71 -5.99 -11.78 5.14
C GLU A 71 -4.77 -11.87 6.06
N TYR A 72 -4.47 -10.82 6.83
CA TYR A 72 -3.30 -10.75 7.74
C TYR A 72 -3.65 -11.37 9.10
N TYR A 73 -4.77 -10.96 9.70
CA TYR A 73 -5.15 -11.30 11.10
C TYR A 73 -6.03 -12.57 11.14
N HIS A 74 -6.64 -12.93 10.01
CA HIS A 74 -7.61 -14.06 9.89
C HIS A 74 -8.82 -13.85 10.82
N THR A 75 -9.06 -12.63 11.32
CA THR A 75 -10.28 -12.27 12.10
C THR A 75 -10.93 -11.00 11.54
N THR A 76 -12.26 -10.92 11.65
CA THR A 76 -13.05 -9.75 11.18
C THR A 76 -13.63 -9.02 12.38
N ASP A 77 -13.23 -9.40 13.60
CA ASP A 77 -13.75 -8.74 14.83
C ASP A 77 -13.22 -7.31 14.84
N PRO A 78 -14.08 -6.27 14.94
CA PRO A 78 -13.63 -4.86 14.91
C PRO A 78 -12.71 -4.42 16.05
N SER A 79 -12.94 -4.94 17.26
CA SER A 79 -12.16 -4.59 18.48
C SER A 79 -10.73 -5.13 18.43
N PHE A 80 -10.47 -6.16 17.62
CA PHE A 80 -9.15 -6.84 17.61
C PHE A 80 -8.01 -5.88 17.26
N LEU A 81 -8.19 -5.02 16.26
CA LEU A 81 -7.08 -4.11 15.86
C LEU A 81 -6.72 -3.18 17.02
N GLY A 82 -7.72 -2.66 17.72
CA GLY A 82 -7.47 -1.76 18.86
C GLY A 82 -6.73 -2.44 19.99
N ARG A 83 -7.13 -3.67 20.32
CA ARG A 83 -6.53 -4.48 21.41
C ARG A 83 -5.08 -4.83 21.08
N TYR A 84 -4.77 -5.12 19.82
CA TYR A 84 -3.38 -5.44 19.39
C TYR A 84 -2.47 -4.22 19.62
N MET A 85 -2.96 -3.04 19.25
CA MET A 85 -2.19 -1.78 19.39
C MET A 85 -2.10 -1.43 20.87
N SER A 86 -3.23 -1.50 21.57
CA SER A 86 -3.31 -1.25 23.03
C SER A 86 -2.21 -2.03 23.73
N ALA A 87 -2.16 -3.35 23.49
CA ALA A 87 -1.15 -4.29 24.03
C ALA A 87 0.25 -3.89 23.57
N LEU A 88 0.48 -3.87 22.26
CA LEU A 88 1.81 -3.56 21.66
C LEU A 88 2.43 -2.32 22.33
N ASN A 89 1.61 -1.32 22.67
CA ASN A 89 2.06 -0.03 23.28
C ASN A 89 2.83 -0.32 24.57
N HIS A 90 2.40 -1.35 25.31
CA HIS A 90 3.07 -1.86 26.54
C HIS A 90 4.20 -2.83 26.15
N THR A 91 3.94 -3.83 25.30
CA THR A 91 4.88 -4.96 25.09
C THR A 91 6.16 -4.50 24.39
N LYS A 92 6.12 -3.35 23.72
CA LYS A 92 7.31 -2.73 23.10
C LYS A 92 8.24 -2.18 24.20
N LYS A 93 7.78 -2.04 25.45
CA LYS A 93 8.62 -1.48 26.54
C LYS A 93 9.24 -2.61 27.38
N TRP A 94 8.74 -3.86 27.28
CA TRP A 94 9.41 -5.04 27.88
C TRP A 94 10.82 -5.21 27.30
N LYS A 95 11.68 -5.96 28.02
CA LYS A 95 13.04 -6.40 27.60
C LYS A 95 13.01 -7.90 27.27
N TYR A 96 13.64 -8.28 26.17
CA TYR A 96 13.56 -9.66 25.64
C TYR A 96 14.94 -10.29 25.53
N PRO A 97 15.59 -10.61 26.67
CA PRO A 97 16.95 -11.13 26.62
C PRO A 97 17.04 -12.55 26.03
N GLN A 98 18.12 -12.85 25.28
CA GLN A 98 18.47 -14.25 24.90
C GLN A 98 18.90 -14.94 26.19
N VAL A 99 18.13 -15.92 26.64
CA VAL A 99 18.40 -16.74 27.87
C VAL A 99 18.55 -18.20 27.40
N ASN A 100 19.74 -18.79 27.54
CA ASN A 100 19.99 -20.20 27.15
C ASN A 100 19.76 -20.32 25.64
N GLY A 101 20.09 -19.29 24.86
CA GLY A 101 19.98 -19.28 23.39
C GLY A 101 18.52 -19.35 22.91
N LEU A 102 17.60 -18.90 23.76
CA LEU A 102 16.15 -18.82 23.46
C LEU A 102 15.68 -17.40 23.81
N THR A 103 14.74 -16.84 23.05
CA THR A 103 14.20 -15.49 23.37
C THR A 103 13.32 -15.59 24.61
N SER A 104 13.46 -14.66 25.56
CA SER A 104 12.63 -14.66 26.79
C SER A 104 12.10 -13.25 27.07
N ILE A 105 11.36 -13.06 28.15
CA ILE A 105 10.84 -11.71 28.51
C ILE A 105 11.23 -11.40 29.97
N LYS A 106 11.80 -10.22 30.21
CA LYS A 106 12.11 -9.79 31.60
C LYS A 106 10.76 -9.59 32.29
N TRP A 107 10.57 -10.19 33.48
CA TRP A 107 9.27 -10.14 34.19
C TRP A 107 8.81 -8.68 34.30
N ALA A 108 7.57 -8.44 33.89
CA ALA A 108 6.79 -7.18 33.96
C ALA A 108 5.32 -7.55 33.71
N ASP A 109 4.38 -6.75 34.23
CA ASP A 109 2.92 -6.81 33.92
C ASP A 109 2.45 -8.27 33.82
N ASN A 110 2.91 -9.11 34.75
CA ASN A 110 2.50 -10.54 34.88
C ASN A 110 2.81 -11.31 33.59
N ASN A 111 3.89 -10.98 32.89
CA ASN A 111 4.14 -11.56 31.56
C ASN A 111 4.67 -13.00 31.70
N CYS A 112 4.68 -13.59 32.91
CA CYS A 112 5.37 -14.88 33.20
C CYS A 112 4.78 -15.98 32.32
N TYR A 113 3.46 -16.08 32.19
CA TYR A 113 2.81 -17.09 31.31
C TYR A 113 3.19 -16.87 29.84
N LEU A 114 3.43 -15.62 29.42
CA LEU A 114 3.75 -15.32 28.00
C LEU A 114 5.19 -15.76 27.72
N ALA A 115 6.13 -15.38 28.58
CA ALA A 115 7.55 -15.81 28.49
C ALA A 115 7.58 -17.34 28.28
N THR A 116 6.91 -18.08 29.16
CA THR A 116 6.88 -19.57 29.18
C THR A 116 6.41 -20.04 27.81
N ALA A 117 5.22 -19.60 27.40
CA ALA A 117 4.57 -20.00 26.14
C ALA A 117 5.51 -19.72 24.97
N LEU A 118 6.27 -18.61 25.03
CA LEU A 118 7.15 -18.14 23.91
C LEU A 118 8.41 -19.00 23.88
N LEU A 119 9.09 -19.12 25.02
CA LEU A 119 10.17 -20.12 25.24
C LEU A 119 9.70 -21.48 24.73
N THR A 120 8.43 -21.84 24.94
CA THR A 120 7.83 -23.12 24.49
C THR A 120 7.73 -23.12 22.96
N LEU A 121 7.08 -22.10 22.37
CA LEU A 121 6.80 -22.04 20.90
C LEU A 121 8.10 -22.07 20.07
N GLN A 122 9.26 -21.73 20.66
CA GLN A 122 10.59 -21.74 20.00
C GLN A 122 11.19 -23.14 20.00
N GLN A 123 10.56 -24.09 20.69
CA GLN A 123 11.07 -25.47 20.86
C GLN A 123 10.17 -26.46 20.13
N ILE A 124 8.99 -26.07 19.65
CA ILE A 124 8.08 -27.01 18.93
C ILE A 124 7.68 -26.43 17.56
N GLU A 125 7.30 -27.37 16.68
CA GLU A 125 6.99 -27.18 15.24
C GLU A 125 5.55 -26.68 15.08
N LEU A 126 5.38 -25.36 15.11
CA LEU A 126 4.06 -24.70 14.93
C LEU A 126 4.05 -23.89 13.64
N LYS A 127 3.14 -24.22 12.73
CA LYS A 127 2.94 -23.48 11.47
C LYS A 127 1.71 -22.58 11.64
N PHE A 128 1.90 -21.26 11.62
CA PHE A 128 0.86 -20.27 11.97
C PHE A 128 0.06 -19.88 10.72
N ASN A 129 -1.27 -20.03 10.81
CA ASN A 129 -2.24 -19.80 9.70
C ASN A 129 -2.39 -18.31 9.40
N PRO A 130 -2.51 -17.39 10.38
CA PRO A 130 -2.50 -15.97 10.09
C PRO A 130 -1.07 -15.48 9.88
N PRO A 131 -0.79 -14.76 8.75
CA PRO A 131 0.52 -14.16 8.50
C PRO A 131 1.08 -13.33 9.68
N ALA A 132 0.23 -12.47 10.25
CA ALA A 132 0.53 -11.65 11.45
C ALA A 132 1.33 -12.49 12.46
N LEU A 133 0.86 -13.70 12.75
CA LEU A 133 1.49 -14.59 13.75
C LEU A 133 2.83 -15.13 13.23
N GLN A 134 2.87 -15.62 11.98
CA GLN A 134 4.11 -16.08 11.29
CA GLN A 134 4.15 -16.12 11.38
C GLN A 134 5.18 -14.98 11.35
N ASP A 135 4.86 -13.81 10.79
CA ASP A 135 5.83 -12.69 10.61
C ASP A 135 6.46 -12.36 11.96
N ALA A 136 5.60 -12.26 12.99
CA ALA A 136 5.92 -11.81 14.35
C ALA A 136 6.80 -12.87 15.03
N TYR A 137 6.36 -14.14 14.95
CA TYR A 137 7.07 -15.32 15.49
C TYR A 137 8.53 -15.33 15.04
N TYR A 138 8.76 -15.28 13.73
CA TYR A 138 10.13 -15.21 13.14
C TYR A 138 10.89 -14.07 13.81
N ARG A 139 10.29 -12.87 13.87
CA ARG A 139 10.93 -11.66 14.43
C ARG A 139 11.11 -11.86 15.95
N ALA A 140 10.24 -12.67 16.57
CA ALA A 140 10.39 -13.11 17.98
C ALA A 140 11.67 -13.94 18.12
N ARG A 141 11.80 -15.03 17.35
CA ARG A 141 12.99 -15.93 17.41
C ARG A 141 14.29 -15.13 17.38
N ALA A 142 14.31 -14.01 16.65
CA ALA A 142 15.48 -13.13 16.49
C ALA A 142 15.67 -12.26 17.73
N GLY A 143 14.61 -11.93 18.49
CA GLY A 143 14.69 -11.16 19.75
C GLY A 143 13.73 -9.98 19.81
N GLU A 144 13.21 -9.52 18.67
CA GLU A 144 12.15 -8.47 18.64
C GLU A 144 10.78 -9.16 18.87
N ALA A 145 10.43 -9.45 20.13
CA ALA A 145 9.26 -10.29 20.46
C ALA A 145 8.03 -9.44 20.78
N ALA A 146 8.17 -8.12 20.79
CA ALA A 146 7.09 -7.21 21.21
C ALA A 146 5.81 -7.51 20.42
N ASN A 147 5.89 -7.50 19.09
CA ASN A 147 4.72 -7.70 18.18
C ASN A 147 4.04 -9.04 18.47
N PHE A 148 4.84 -10.10 18.62
CA PHE A 148 4.33 -11.47 18.87
C PHE A 148 3.51 -11.43 20.16
N CYS A 149 4.18 -11.13 21.27
CA CYS A 149 3.57 -11.04 22.62
C CYS A 149 2.26 -10.25 22.54
N ALA A 150 2.25 -9.17 21.76
CA ALA A 150 1.08 -8.28 21.56
C ALA A 150 -0.03 -9.00 20.77
N LEU A 151 0.31 -9.80 19.76
CA LEU A 151 -0.72 -10.55 18.99
C LEU A 151 -1.29 -11.65 19.90
N ILE A 152 -0.46 -12.27 20.72
CA ILE A 152 -0.89 -13.38 21.63
C ILE A 152 -2.00 -12.86 22.54
N LEU A 153 -1.75 -11.76 23.25
CA LEU A 153 -2.75 -11.06 24.13
C LEU A 153 -4.04 -10.78 23.33
N ALA A 154 -3.92 -10.20 22.14
CA ALA A 154 -5.06 -9.80 21.26
C ALA A 154 -5.89 -11.04 20.90
N TYR A 155 -5.22 -12.11 20.47
CA TYR A 155 -5.88 -13.37 20.03
C TYR A 155 -6.45 -14.14 21.23
N CYS A 156 -5.84 -13.96 22.40
CA CYS A 156 -6.28 -14.68 23.62
C CYS A 156 -7.29 -13.84 24.41
N ASN A 157 -7.61 -12.63 23.93
CA ASN A 157 -8.57 -11.73 24.63
C ASN A 157 -8.08 -11.45 26.06
N LYS A 158 -6.80 -11.13 26.18
CA LYS A 158 -6.15 -10.80 27.48
C LYS A 158 -5.60 -9.38 27.40
N THR A 159 -5.37 -8.74 28.54
CA THR A 159 -4.85 -7.36 28.59
C THR A 159 -3.51 -7.36 29.35
N VAL A 160 -2.66 -6.37 29.09
CA VAL A 160 -1.33 -6.31 29.77
C VAL A 160 -1.54 -6.20 31.28
N GLY A 161 -0.76 -6.95 32.06
CA GLY A 161 -0.84 -6.91 33.53
C GLY A 161 -1.67 -8.05 34.09
N GLU A 162 -2.49 -8.69 33.25
CA GLU A 162 -3.35 -9.81 33.72
C GLU A 162 -2.64 -11.17 33.53
N LEU A 163 -2.63 -12.01 34.56
CA LEU A 163 -2.00 -13.35 34.51
C LEU A 163 -2.92 -14.30 33.75
N GLY A 164 -2.35 -15.18 32.92
CA GLY A 164 -3.10 -16.15 32.08
C GLY A 164 -2.63 -17.58 32.29
N ASP A 165 -3.49 -18.56 32.01
CA ASP A 165 -3.18 -20.01 32.04
C ASP A 165 -2.32 -20.32 30.81
N VAL A 166 -1.12 -20.90 30.99
CA VAL A 166 -0.22 -21.24 29.85
C VAL A 166 -1.01 -22.16 28.91
N ARG A 167 -1.72 -23.14 29.47
CA ARG A 167 -2.49 -24.13 28.67
C ARG A 167 -3.63 -23.43 27.90
N GLU A 168 -4.39 -22.50 28.50
CA GLU A 168 -5.54 -21.81 27.82
C GLU A 168 -4.99 -21.01 26.63
N THR A 169 -3.77 -20.44 26.80
CA THR A 169 -3.01 -19.60 25.84
C THR A 169 -2.53 -20.47 24.66
N MET A 170 -1.94 -21.65 24.93
CA MET A 170 -1.50 -22.58 23.85
C MET A 170 -2.75 -23.11 23.14
N SER A 171 -3.79 -23.53 23.87
CA SER A 171 -5.07 -23.97 23.25
C SER A 171 -5.41 -22.97 22.14
N TYR A 172 -5.47 -21.69 22.49
CA TYR A 172 -5.77 -20.54 21.58
C TYR A 172 -4.78 -20.52 20.40
N LEU A 173 -3.48 -20.54 20.68
CA LEU A 173 -2.45 -20.38 19.61
C LEU A 173 -2.55 -21.58 18.65
N PHE A 174 -2.96 -22.77 19.12
CA PHE A 174 -3.13 -23.99 18.29
C PHE A 174 -4.42 -23.86 17.46
N GLN A 175 -5.40 -23.05 17.90
CA GLN A 175 -6.60 -22.74 17.09
C GLN A 175 -6.13 -22.07 15.78
N HIS A 176 -5.01 -21.34 15.88
CA HIS A 176 -4.47 -20.54 14.74
C HIS A 176 -3.20 -21.19 14.15
N ALA A 177 -3.07 -22.51 14.24
CA ALA A 177 -1.87 -23.18 13.70
C ALA A 177 -2.32 -24.35 12.82
N ASN A 178 -1.45 -24.82 11.93
CA ASN A 178 -1.83 -25.96 11.04
C ASN A 178 -1.57 -27.27 11.79
N LEU A 179 -2.62 -27.82 12.40
CA LEU A 179 -2.55 -29.11 13.15
C LEU A 179 -3.64 -30.04 12.63
N ASP A 180 -4.16 -29.78 11.44
CA ASP A 180 -5.26 -30.60 10.85
C ASP A 180 -4.77 -32.05 10.67
N SER A 181 -3.53 -32.23 10.22
CA SER A 181 -2.95 -33.58 9.97
C SER A 181 -2.89 -34.41 11.26
N CYS A 182 -2.62 -33.76 12.40
CA CYS A 182 -2.44 -34.48 13.68
C CYS A 182 -3.64 -35.38 13.99
N LYS A 183 -3.36 -36.61 14.44
CA LYS A 183 -4.39 -37.63 14.78
C LYS A 183 -3.99 -38.32 16.10
N ARG A 184 -4.99 -38.70 16.89
CA ARG A 184 -4.84 -39.37 18.21
C ARG A 184 -5.91 -40.44 18.29
N VAL A 185 -5.54 -41.68 18.62
CA VAL A 185 -6.48 -42.81 18.83
C VAL A 185 -6.34 -43.28 20.28
N LEU A 186 -7.44 -43.25 21.02
CA LEU A 186 -7.51 -43.64 22.45
C LEU A 186 -8.40 -44.87 22.54
N ASN A 187 -7.97 -45.88 23.29
CA ASN A 187 -8.82 -47.03 23.68
C ASN A 187 -9.16 -46.80 25.15
N VAL A 188 -10.42 -47.06 25.50
CA VAL A 188 -10.90 -46.95 26.92
C VAL A 188 -11.50 -48.32 27.26
N VAL A 189 -10.94 -49.01 28.26
CA VAL A 189 -11.45 -50.37 28.58
C VAL A 189 -12.06 -50.41 29.99
N CYS A 190 -13.33 -50.81 30.07
CA CYS A 190 -14.06 -50.98 31.34
C CYS A 190 -14.48 -52.45 31.39
N LYS A 191 -14.23 -53.14 32.51
CA LYS A 191 -14.52 -54.59 32.55
C LYS A 191 -16.02 -54.84 32.31
N THR A 192 -16.90 -54.09 32.98
CA THR A 192 -18.35 -54.27 32.76
C THR A 192 -18.78 -53.77 31.38
N CYS A 193 -18.35 -52.55 31.04
CA CYS A 193 -18.72 -51.84 29.77
C CYS A 193 -18.11 -52.40 28.49
N GLY A 194 -16.83 -52.77 28.48
CA GLY A 194 -16.21 -53.19 27.20
C GLY A 194 -15.22 -52.14 26.71
N GLN A 195 -14.86 -52.17 25.43
CA GLN A 195 -13.86 -51.21 24.88
C GLN A 195 -14.52 -50.13 24.02
N GLN A 196 -13.84 -48.99 23.88
CA GLN A 196 -14.33 -47.83 23.06
C GLN A 196 -13.11 -47.08 22.52
N GLN A 197 -12.94 -47.07 21.20
CA GLN A 197 -11.77 -46.40 20.55
C GLN A 197 -12.20 -45.02 20.07
N THR A 198 -11.42 -43.99 20.41
CA THR A 198 -11.76 -42.59 20.05
C THR A 198 -10.63 -41.97 19.21
N THR A 199 -11.00 -41.30 18.11
CA THR A 199 -10.02 -40.62 17.22
C THR A 199 -10.22 -39.11 17.36
N LEU A 200 -9.13 -38.37 17.63
CA LEU A 200 -9.19 -36.90 17.80
C LEU A 200 -8.33 -36.23 16.73
N LYS A 201 -8.88 -35.22 16.05
CA LYS A 201 -8.12 -34.50 14.99
C LYS A 201 -7.90 -33.05 15.43
N GLY A 202 -6.85 -32.41 14.90
CA GLY A 202 -6.51 -31.02 15.23
C GLY A 202 -6.06 -30.86 16.66
N VAL A 203 -6.47 -29.77 17.31
CA VAL A 203 -5.94 -29.34 18.64
C VAL A 203 -6.19 -30.43 19.69
N GLU A 204 -7.31 -31.13 19.58
CA GLU A 204 -7.74 -32.14 20.58
C GLU A 204 -6.78 -33.33 20.52
N ALA A 205 -6.09 -33.50 19.40
CA ALA A 205 -5.17 -34.62 19.17
C ALA A 205 -3.83 -34.43 19.90
N VAL A 206 -3.46 -33.20 20.30
CA VAL A 206 -2.12 -32.92 20.93
C VAL A 206 -2.24 -32.36 22.37
N MET A 207 -3.44 -32.32 22.95
CA MET A 207 -3.60 -31.76 24.31
C MET A 207 -4.38 -32.73 25.22
N TYR A 208 -3.79 -33.13 26.35
CA TYR A 208 -4.48 -34.01 27.32
C TYR A 208 -4.40 -33.41 28.73
N MET A 209 -5.53 -33.37 29.44
CA MET A 209 -5.57 -32.81 30.82
C MET A 209 -5.87 -33.93 31.82
N GLY A 210 -5.03 -34.06 32.86
CA GLY A 210 -5.22 -35.09 33.90
C GLY A 210 -3.97 -35.93 34.15
N THR A 211 -3.01 -35.89 33.24
CA THR A 211 -1.74 -36.65 33.43
C THR A 211 -0.59 -35.86 32.79
N LEU A 212 0.59 -35.86 33.41
CA LEU A 212 1.77 -35.12 32.86
C LEU A 212 2.72 -36.11 32.16
N SER A 213 2.65 -37.39 32.55
CA SER A 213 3.52 -38.44 31.97
C SER A 213 2.96 -38.86 30.61
N TYR A 214 3.66 -38.51 29.53
CA TYR A 214 3.40 -39.13 28.21
C TYR A 214 3.58 -40.65 28.36
N GLU A 215 4.50 -41.06 29.24
CA GLU A 215 4.74 -42.52 29.47
C GLU A 215 3.50 -43.15 30.09
N GLN A 216 2.95 -42.55 31.15
CA GLN A 216 1.76 -43.10 31.85
C GLN A 216 0.56 -43.15 30.89
N PHE A 217 0.43 -42.11 30.06
CA PHE A 217 -0.70 -42.03 29.08
C PHE A 217 -0.63 -43.21 28.12
N LYS A 218 0.57 -43.55 27.66
CA LYS A 218 0.77 -44.70 26.73
C LYS A 218 0.41 -46.00 27.46
N LYS A 219 0.87 -46.13 28.71
CA LYS A 219 0.59 -47.33 29.57
C LYS A 219 -0.90 -47.40 29.86
N GLY A 220 -1.53 -46.25 30.12
CA GLY A 220 -2.97 -46.18 30.43
C GLY A 220 -3.19 -45.51 31.77
N VAL A 221 -4.26 -44.71 31.89
CA VAL A 221 -4.54 -43.95 33.15
C VAL A 221 -5.95 -44.31 33.63
N GLN A 222 -6.17 -44.20 34.94
CA GLN A 222 -7.48 -44.53 35.55
C GLN A 222 -8.43 -43.34 35.46
N ILE A 223 -9.58 -43.54 34.82
CA ILE A 223 -10.65 -42.49 34.67
C ILE A 223 -11.98 -43.11 35.11
N PRO A 224 -12.92 -42.33 35.70
CA PRO A 224 -14.20 -42.86 36.13
C PRO A 224 -15.08 -43.27 34.95
N CYS A 225 -15.92 -44.29 35.14
CA CYS A 225 -16.83 -44.80 34.07
C CYS A 225 -18.30 -44.64 34.52
N THR A 226 -19.22 -44.73 33.57
CA THR A 226 -20.68 -44.51 33.81
C THR A 226 -21.23 -45.49 34.85
N CYS A 227 -20.78 -46.75 34.82
CA CYS A 227 -21.28 -47.81 35.75
C CYS A 227 -20.73 -47.67 37.18
N GLY A 228 -19.75 -46.79 37.40
CA GLY A 228 -19.16 -46.54 38.73
C GLY A 228 -17.84 -47.28 38.91
N LYS A 229 -17.55 -48.24 38.03
CA LYS A 229 -16.24 -48.95 38.09
C LYS A 229 -15.19 -48.06 37.41
N GLN A 230 -13.92 -48.20 37.76
CA GLN A 230 -12.89 -47.36 37.07
C GLN A 230 -12.59 -47.95 35.69
N ALA A 231 -12.15 -47.10 34.77
CA ALA A 231 -11.84 -47.55 33.38
C ALA A 231 -10.42 -47.12 33.05
N THR A 232 -9.79 -47.83 32.10
CA THR A 232 -8.39 -47.52 31.71
C THR A 232 -8.32 -46.95 30.30
N LYS A 233 -7.87 -45.70 30.20
CA LYS A 233 -7.63 -44.98 28.91
C LYS A 233 -6.14 -45.08 28.57
N TYR A 234 -5.79 -45.63 27.42
CA TYR A 234 -4.38 -45.65 26.97
C TYR A 234 -4.30 -45.10 25.53
N LEU A 235 -3.13 -44.55 25.18
CA LEU A 235 -2.83 -44.01 23.84
C LEU A 235 -2.60 -45.18 22.88
N VAL A 236 -3.46 -45.35 21.88
CA VAL A 236 -3.27 -46.34 20.76
C VAL A 236 -2.30 -45.74 19.74
N GLN A 237 -2.52 -44.52 19.28
CA GLN A 237 -1.78 -43.94 18.11
C GLN A 237 -1.67 -42.41 18.23
N GLN A 238 -0.47 -41.86 18.09
CA GLN A 238 -0.26 -40.40 18.05
C GLN A 238 0.46 -40.01 16.76
N GLU A 239 -0.25 -39.28 15.88
CA GLU A 239 0.29 -38.62 14.67
C GLU A 239 0.31 -37.12 14.93
N SER A 240 1.44 -36.60 15.37
CA SER A 240 1.65 -35.14 15.57
C SER A 240 3.12 -34.83 15.70
N PRO A 241 3.52 -33.56 15.51
CA PRO A 241 4.89 -33.10 15.73
C PRO A 241 5.31 -33.07 17.21
N PHE A 242 4.34 -33.14 18.12
CA PHE A 242 4.52 -33.04 19.59
C PHE A 242 3.17 -33.36 20.27
N VAL A 243 3.21 -33.56 21.59
CA VAL A 243 1.98 -33.77 22.39
C VAL A 243 2.08 -32.86 23.61
N MET A 244 0.94 -32.35 24.11
CA MET A 244 0.99 -31.49 25.32
C MET A 244 0.25 -32.23 26.44
N MET A 245 0.94 -32.52 27.54
CA MET A 245 0.33 -33.24 28.68
C MET A 245 0.14 -32.25 29.82
N SER A 246 -1.11 -32.06 30.26
CA SER A 246 -1.38 -31.05 31.31
C SER A 246 -2.14 -31.68 32.49
N ALA A 247 -1.93 -31.12 33.67
CA ALA A 247 -2.61 -31.55 34.91
C ALA A 247 -2.56 -30.41 35.92
N PRO A 248 -3.41 -30.40 36.98
CA PRO A 248 -3.33 -29.36 38.01
C PRO A 248 -1.94 -29.46 38.66
N PRO A 249 -1.29 -28.34 39.02
CA PRO A 249 0.07 -28.39 39.54
C PRO A 249 0.26 -29.30 40.75
N ALA A 250 1.29 -30.14 40.69
CA ALA A 250 1.63 -31.10 41.76
C ALA A 250 3.14 -31.37 41.73
N GLN A 251 3.70 -31.85 42.83
CA GLN A 251 5.15 -32.16 42.88
C GLN A 251 5.47 -33.17 41.79
N TYR A 252 6.44 -32.85 40.93
CA TYR A 252 6.85 -33.71 39.79
C TYR A 252 8.37 -33.62 39.70
N GLU A 253 8.99 -34.68 39.19
CA GLU A 253 10.45 -34.77 38.99
C GLU A 253 10.71 -35.02 37.50
N LEU A 254 11.20 -34.00 36.80
CA LEU A 254 11.62 -34.09 35.37
C LEU A 254 13.08 -34.53 35.33
N LYS A 255 13.36 -35.70 34.72
CA LYS A 255 14.74 -36.18 34.47
C LYS A 255 15.16 -35.68 33.06
N HIS A 256 16.38 -35.18 32.96
CA HIS A 256 17.01 -34.73 31.68
C HIS A 256 16.77 -35.76 30.59
N GLY A 257 16.29 -35.35 29.41
CA GLY A 257 16.22 -36.19 28.20
C GLY A 257 14.87 -36.86 27.96
N THR A 258 13.94 -36.83 28.92
CA THR A 258 12.66 -37.60 28.84
C THR A 258 11.51 -36.73 28.30
N PHE A 259 11.75 -35.43 28.17
CA PHE A 259 10.75 -34.40 27.81
C PHE A 259 11.46 -33.25 27.09
N THR A 260 10.71 -32.43 26.38
CA THR A 260 11.26 -31.30 25.57
C THR A 260 11.30 -30.04 26.43
N CYS A 261 10.19 -29.73 27.09
CA CYS A 261 10.08 -28.57 27.99
C CYS A 261 8.87 -28.74 28.91
N ALA A 262 8.76 -27.89 29.94
CA ALA A 262 7.71 -27.94 30.98
C ALA A 262 7.42 -26.55 31.55
N SER A 263 6.14 -26.30 31.89
CA SER A 263 5.63 -25.17 32.71
C SER A 263 5.53 -25.60 34.16
N GLU A 264 6.36 -25.04 35.05
CA GLU A 264 6.25 -25.14 36.53
C GLU A 264 5.35 -24.00 37.01
N TYR A 265 4.45 -24.28 37.94
CA TYR A 265 3.57 -23.21 38.45
C TYR A 265 3.47 -23.30 39.98
N THR A 266 4.05 -22.31 40.66
CA THR A 266 4.03 -22.21 42.14
C THR A 266 3.03 -21.13 42.53
N GLY A 267 2.19 -21.39 43.54
CA GLY A 267 1.21 -20.40 43.99
C GLY A 267 -0.22 -20.89 43.85
N ASN A 268 -1.18 -20.07 44.27
CA ASN A 268 -2.63 -20.42 44.22
C ASN A 268 -3.19 -20.17 42.83
N TYR A 269 -4.39 -20.69 42.57
CA TYR A 269 -5.06 -20.59 41.24
C TYR A 269 -5.31 -19.12 40.89
N GLN A 270 -4.81 -18.73 39.70
CA GLN A 270 -4.92 -17.41 39.03
C GLN A 270 -3.99 -16.35 39.65
N CYS A 271 -3.16 -16.70 40.64
CA CYS A 271 -2.25 -15.68 41.24
C CYS A 271 -0.81 -16.20 41.37
N GLY A 272 -0.49 -17.36 40.78
CA GLY A 272 0.86 -17.94 40.93
C GLY A 272 1.89 -17.37 39.96
N HIS A 273 3.11 -17.92 40.02
CA HIS A 273 4.24 -17.53 39.13
C HIS A 273 4.64 -18.73 38.26
N TYR A 274 4.98 -18.47 36.99
CA TYR A 274 5.36 -19.54 36.03
C TYR A 274 6.86 -19.54 35.72
N LYS A 275 7.45 -20.73 35.71
CA LYS A 275 8.84 -20.94 35.23
C LYS A 275 8.81 -21.92 34.07
N HIS A 276 9.79 -21.81 33.19
CA HIS A 276 9.99 -22.71 32.03
C HIS A 276 11.23 -23.56 32.29
N ILE A 277 11.06 -24.88 32.35
CA ILE A 277 12.18 -25.85 32.45
C ILE A 277 12.40 -26.39 31.05
N THR A 278 13.55 -26.19 30.42
CA THR A 278 13.79 -26.78 29.08
C THR A 278 14.85 -27.89 29.22
N SER A 279 14.63 -29.06 28.61
CA SER A 279 15.60 -30.18 28.56
C SER A 279 16.52 -30.00 27.36
N LYS A 280 17.81 -29.83 27.63
CA LYS A 280 18.92 -29.74 26.63
C LYS A 280 20.02 -30.71 27.05
N GLU A 281 21.27 -30.24 27.18
CA GLU A 281 22.39 -31.16 27.52
C GLU A 281 22.28 -31.50 29.01
N THR A 282 21.88 -30.52 29.83
CA THR A 282 21.34 -30.72 31.20
C THR A 282 20.01 -29.98 31.26
N LEU A 283 19.41 -29.84 32.45
CA LEU A 283 18.14 -29.10 32.66
C LEU A 283 18.42 -27.61 32.93
N TYR A 284 17.59 -26.76 32.33
CA TYR A 284 17.70 -25.28 32.32
C TYR A 284 16.35 -24.70 32.73
N CYS A 285 16.32 -24.09 33.91
CA CYS A 285 15.15 -23.36 34.46
C CYS A 285 15.27 -21.89 34.02
N ILE A 286 14.43 -21.50 33.06
CA ILE A 286 14.35 -20.11 32.53
C ILE A 286 13.18 -19.44 33.23
N ASP A 287 13.47 -18.53 34.15
CA ASP A 287 12.44 -17.85 34.97
C ASP A 287 12.58 -16.36 34.68
N GLY A 288 11.67 -15.84 33.85
CA GLY A 288 11.83 -14.53 33.22
C GLY A 288 13.18 -14.42 32.53
N ALA A 289 14.04 -13.54 33.03
CA ALA A 289 15.39 -13.28 32.50
C ALA A 289 16.41 -14.00 33.38
N LEU A 290 15.97 -14.65 34.44
CA LEU A 290 16.88 -15.39 35.34
C LEU A 290 17.05 -16.82 34.80
N LEU A 291 18.10 -17.51 35.23
CA LEU A 291 18.47 -18.85 34.73
C LEU A 291 19.26 -19.62 35.79
N THR A 292 18.79 -20.83 36.09
CA THR A 292 19.49 -21.82 36.95
C THR A 292 19.56 -23.13 36.18
N LYS A 293 20.44 -24.01 36.64
CA LYS A 293 20.85 -25.25 35.95
C LYS A 293 20.85 -26.38 36.97
N SER A 294 20.12 -27.46 36.71
CA SER A 294 20.12 -28.71 37.52
C SER A 294 20.20 -29.92 36.58
N SER A 295 20.57 -31.09 37.12
CA SER A 295 20.58 -32.39 36.41
C SER A 295 19.17 -32.99 36.46
N GLU A 296 18.48 -32.78 37.59
CA GLU A 296 17.06 -33.16 37.84
C GLU A 296 16.30 -31.94 38.37
N TYR A 297 14.96 -31.99 38.33
CA TYR A 297 14.11 -30.84 38.73
C TYR A 297 12.84 -31.31 39.42
N LYS A 298 12.75 -31.07 40.73
CA LYS A 298 11.54 -31.38 41.52
C LYS A 298 10.81 -30.06 41.75
N GLY A 299 9.59 -29.93 41.23
CA GLY A 299 8.80 -28.70 41.36
C GLY A 299 7.33 -28.95 41.06
N PRO A 300 6.42 -27.98 41.26
CA PRO A 300 5.02 -28.20 40.91
C PRO A 300 4.94 -27.94 39.40
N ILE A 301 4.64 -28.99 38.62
CA ILE A 301 4.59 -28.88 37.14
C ILE A 301 3.15 -29.13 36.68
N THR A 302 2.61 -28.23 35.86
CA THR A 302 1.23 -28.40 35.36
C THR A 302 1.23 -28.73 33.85
N ASP A 303 2.29 -28.37 33.14
CA ASP A 303 2.36 -28.61 31.67
C ASP A 303 3.70 -29.24 31.26
N VAL A 304 3.66 -30.34 30.51
CA VAL A 304 4.90 -30.97 29.98
C VAL A 304 4.69 -31.22 28.48
N PHE A 305 5.68 -30.85 27.65
CA PHE A 305 5.58 -31.02 26.18
C PHE A 305 6.60 -32.07 25.72
N TYR A 306 6.17 -32.99 24.85
CA TYR A 306 7.09 -34.02 24.30
C TYR A 306 7.06 -33.92 22.77
N LYS A 307 8.21 -34.09 22.10
CA LYS A 307 8.25 -34.12 20.62
C LYS A 307 7.81 -35.52 20.18
N GLU A 308 7.39 -35.67 18.93
CA GLU A 308 6.72 -36.91 18.46
C GLU A 308 6.74 -36.93 16.93
N ASN A 309 6.56 -38.09 16.34
CA ASN A 309 6.19 -38.20 14.91
C ASN A 309 4.93 -39.07 14.82
N SER A 310 5.12 -40.38 14.76
CA SER A 310 4.00 -41.36 14.68
C SER A 310 4.23 -42.45 15.73
N TYR A 311 3.27 -42.65 16.63
CA TYR A 311 3.39 -43.70 17.68
C TYR A 311 2.25 -44.70 17.57
N THR A 312 2.57 -46.00 17.57
CA THR A 312 1.56 -47.08 17.51
C THR A 312 1.74 -47.96 18.76
N THR A 313 0.66 -48.21 19.50
CA THR A 313 0.75 -49.03 20.75
C THR A 313 1.00 -50.50 20.41
N THR A 314 1.69 -51.21 21.30
CA THR A 314 1.97 -52.66 21.14
C THR A 314 0.97 -53.47 21.97
N ILE A 315 0.09 -52.78 22.71
CA ILE A 315 -0.92 -53.44 23.59
C ILE A 315 -1.89 -54.26 22.71
N LYS A 316 -2.26 -55.45 23.19
CA LYS A 316 -3.21 -56.35 22.47
C LYS A 316 -2.73 -56.56 21.03
N SER B 1 23.21 -22.02 -4.43
CA SER B 1 23.99 -21.73 -3.17
C SER B 1 23.09 -21.06 -2.12
N GLU B 2 23.69 -20.17 -1.32
CA GLU B 2 22.97 -19.34 -0.32
C GLU B 2 21.84 -18.57 -1.02
N VAL B 3 20.68 -18.47 -0.36
CA VAL B 3 19.55 -17.59 -0.78
C VAL B 3 19.66 -16.28 0.00
N ARG B 4 19.96 -15.17 -0.68
CA ARG B 4 19.85 -13.81 -0.12
C ARG B 4 18.55 -13.19 -0.65
N THR B 5 17.92 -12.35 0.16
CA THR B 5 16.71 -11.53 -0.17
C THR B 5 16.91 -10.12 0.37
N ILE B 6 16.04 -9.22 -0.09
CA ILE B 6 15.93 -7.81 0.40
C ILE B 6 14.45 -7.41 0.33
N LYS B 7 14.06 -6.40 1.09
CA LYS B 7 12.63 -5.95 1.09
C LYS B 7 12.53 -4.70 0.20
N VAL B 8 11.57 -4.68 -0.68
CA VAL B 8 11.35 -3.56 -1.56
C VAL B 8 9.88 -3.21 -1.56
N PHE B 9 9.49 -2.21 -2.32
CA PHE B 9 8.11 -1.84 -2.38
C PHE B 9 7.66 -1.85 -3.78
N THR B 10 6.51 -2.42 -4.06
CA THR B 10 5.98 -2.38 -5.39
C THR B 10 4.70 -1.55 -5.48
N THR B 11 4.56 -0.81 -6.55
CA THR B 11 3.44 0.03 -6.69
C THR B 11 3.14 0.33 -8.13
N VAL B 12 1.94 0.81 -8.36
CA VAL B 12 1.49 1.18 -9.67
C VAL B 12 1.14 2.63 -9.70
N ASP B 13 0.85 3.21 -8.58
CA ASP B 13 0.48 4.58 -8.55
C ASP B 13 1.42 5.49 -7.78
N ASN B 14 2.26 4.87 -6.94
CA ASN B 14 3.25 5.46 -6.04
C ASN B 14 2.58 6.17 -4.87
N ILE B 15 1.45 5.62 -4.53
CA ILE B 15 0.64 6.13 -3.47
C ILE B 15 0.48 5.02 -2.47
N ASN B 16 0.22 3.85 -3.01
CA ASN B 16 0.06 2.65 -2.28
C ASN B 16 1.21 1.79 -2.61
N LEU B 17 2.00 1.52 -1.61
CA LEU B 17 3.14 0.71 -1.76
C LEU B 17 2.93 -0.64 -1.16
N HIS B 18 3.43 -1.68 -1.78
CA HIS B 18 3.30 -2.98 -1.22
C HIS B 18 4.63 -3.64 -0.96
N THR B 19 4.90 -3.93 0.28
CA THR B 19 6.15 -4.56 0.66
C THR B 19 6.30 -5.90 0.07
N GLN B 20 7.41 -6.13 -0.60
CA GLN B 20 7.70 -7.37 -1.23
C GLN B 20 9.03 -7.86 -0.79
N VAL B 21 9.20 -9.16 -0.80
CA VAL B 21 10.52 -9.79 -0.52
C VAL B 21 11.01 -10.31 -1.86
N VAL B 22 12.20 -9.87 -2.29
CA VAL B 22 12.72 -10.30 -3.62
C VAL B 22 13.96 -11.16 -3.42
N ASP B 23 13.98 -12.33 -4.07
CA ASP B 23 15.17 -13.21 -4.00
C ASP B 23 16.30 -12.49 -4.74
N MET B 24 17.50 -12.46 -4.16
CA MET B 24 18.70 -11.84 -4.79
C MET B 24 19.08 -12.66 -6.03
N SER B 25 18.88 -13.98 -5.94
CA SER B 25 19.18 -15.01 -6.97
C SER B 25 18.26 -14.92 -8.19
N MET B 26 17.17 -14.14 -8.19
CA MET B 26 16.30 -14.08 -9.40
C MET B 26 16.23 -12.64 -9.93
N THR B 27 15.85 -12.46 -11.20
CA THR B 27 15.74 -11.08 -11.77
C THR B 27 14.40 -10.49 -11.37
N TYR B 28 14.26 -9.17 -11.47
CA TYR B 28 12.98 -8.49 -11.13
C TYR B 28 11.89 -8.99 -12.09
N GLY B 29 12.24 -9.14 -13.36
CA GLY B 29 11.30 -9.62 -14.39
C GLY B 29 10.80 -11.02 -14.07
N GLN B 30 11.68 -11.90 -13.61
CA GLN B 30 11.26 -13.29 -13.28
C GLN B 30 10.28 -13.29 -12.10
N GLN B 31 10.59 -12.54 -11.04
CA GLN B 31 9.76 -12.49 -9.81
C GLN B 31 8.42 -11.76 -9.95
N PHE B 32 8.39 -10.57 -10.56
CA PHE B 32 7.11 -9.79 -10.61
C PHE B 32 6.64 -9.47 -12.02
N GLY B 33 7.28 -9.99 -13.07
CA GLY B 33 6.88 -9.54 -14.42
C GLY B 33 7.60 -8.24 -14.77
N PRO B 34 7.16 -7.43 -15.75
CA PRO B 34 7.87 -6.19 -16.07
C PRO B 34 7.95 -5.29 -14.84
N THR B 35 9.16 -4.80 -14.53
CA THR B 35 9.44 -3.98 -13.32
C THR B 35 10.37 -2.83 -13.71
N TYR B 36 10.02 -1.59 -13.32
CA TYR B 36 10.87 -0.42 -13.64
C TYR B 36 11.19 0.36 -12.36
N LEU B 37 12.46 0.72 -12.16
CA LEU B 37 12.83 1.53 -10.97
C LEU B 37 13.16 2.95 -11.43
N ASP B 38 12.36 3.93 -11.01
CA ASP B 38 12.53 5.36 -11.37
C ASP B 38 12.50 5.54 -12.90
N GLY B 39 11.62 4.79 -13.59
CA GLY B 39 11.47 4.87 -15.06
C GLY B 39 12.52 4.05 -15.81
N ALA B 40 13.37 3.31 -15.09
CA ALA B 40 14.43 2.51 -15.74
C ALA B 40 14.04 1.03 -15.70
N ASP B 41 14.02 0.37 -16.85
CA ASP B 41 13.65 -1.07 -16.88
C ASP B 41 14.73 -1.87 -16.15
N VAL B 42 14.32 -2.74 -15.23
CA VAL B 42 15.24 -3.59 -14.43
C VAL B 42 14.68 -5.01 -14.49
N THR B 43 13.64 -5.20 -15.30
CA THR B 43 12.94 -6.49 -15.47
C THR B 43 13.94 -7.63 -15.63
N LYS B 44 15.01 -7.41 -16.39
CA LYS B 44 16.04 -8.45 -16.63
C LYS B 44 17.30 -8.18 -15.81
N ILE B 45 17.16 -7.40 -14.74
CA ILE B 45 18.33 -7.08 -13.86
C ILE B 45 18.08 -7.70 -12.48
N LYS B 46 19.05 -8.47 -11.96
CA LYS B 46 18.93 -9.12 -10.64
C LYS B 46 18.98 -8.06 -9.54
N PRO B 47 18.29 -8.24 -8.39
CA PRO B 47 18.27 -7.25 -7.32
C PRO B 47 19.66 -6.91 -6.74
N HIS B 48 19.85 -5.63 -6.42
CA HIS B 48 21.10 -5.07 -5.85
C HIS B 48 20.87 -4.76 -4.36
N ASN B 49 21.95 -4.67 -3.58
CA ASN B 49 21.84 -4.35 -2.13
C ASN B 49 21.26 -2.93 -1.98
N SER B 50 21.79 -1.98 -2.75
CA SER B 50 21.30 -0.57 -2.73
C SER B 50 19.79 -0.52 -3.01
N HIS B 51 19.24 -1.54 -3.70
CA HIS B 51 17.81 -1.62 -4.08
C HIS B 51 16.91 -1.81 -2.85
N GLU B 52 17.45 -2.22 -1.70
CA GLU B 52 16.60 -2.50 -0.50
C GLU B 52 15.93 -1.21 0.00
N GLY B 53 14.60 -1.26 0.14
CA GLY B 53 13.79 -0.17 0.72
C GLY B 53 13.32 0.82 -0.33
N LYS B 54 13.61 0.56 -1.63
CA LYS B 54 13.23 1.45 -2.75
C LYS B 54 11.88 1.01 -3.34
N THR B 55 11.15 1.94 -3.96
CA THR B 55 9.85 1.68 -4.64
C THR B 55 10.08 1.37 -6.11
N PHE B 56 9.55 0.23 -6.55
CA PHE B 56 9.57 -0.26 -7.95
C PHE B 56 8.14 -0.21 -8.47
N TYR B 57 7.98 0.13 -9.74
CA TYR B 57 6.66 0.10 -10.42
C TYR B 57 6.55 -1.22 -11.20
N VAL B 58 5.40 -1.87 -11.10
CA VAL B 58 5.09 -3.18 -11.74
C VAL B 58 3.76 -3.06 -12.48
N LEU B 59 3.50 -3.99 -13.41
CA LEU B 59 2.20 -4.07 -14.12
C LEU B 59 1.18 -4.71 -13.19
N PRO B 60 -0.12 -4.42 -13.36
CA PRO B 60 -1.15 -5.02 -12.53
C PRO B 60 -1.35 -6.52 -12.82
N ASN B 61 -0.90 -7.39 -11.91
CA ASN B 61 -1.05 -8.87 -12.04
C ASN B 61 -2.19 -9.40 -11.17
N ASP B 62 -3.02 -8.52 -10.59
CA ASP B 62 -4.20 -8.94 -9.79
C ASP B 62 -5.20 -7.78 -9.82
N ASP B 63 -6.43 -8.01 -9.37
CA ASP B 63 -7.55 -7.03 -9.44
C ASP B 63 -7.34 -5.84 -8.50
N THR B 64 -6.69 -6.04 -7.34
CA THR B 64 -6.38 -4.95 -6.37
C THR B 64 -5.47 -3.95 -7.09
N LEU B 65 -4.43 -4.44 -7.76
CA LEU B 65 -3.42 -3.60 -8.47
C LEU B 65 -4.06 -2.91 -9.69
N ARG B 66 -5.00 -3.58 -10.36
CA ARG B 66 -5.76 -3.08 -11.55
C ARG B 66 -6.66 -1.91 -11.16
N VAL B 67 -7.29 -1.99 -10.00
CA VAL B 67 -8.18 -0.91 -9.50
C VAL B 67 -7.31 0.34 -9.21
N GLU B 68 -6.15 0.19 -8.56
CA GLU B 68 -5.27 1.31 -8.11
C GLU B 68 -4.69 2.04 -9.33
N ALA B 69 -4.42 1.29 -10.39
CA ALA B 69 -3.89 1.79 -11.70
C ALA B 69 -5.00 2.55 -12.42
N PHE B 70 -6.21 2.00 -12.46
CA PHE B 70 -7.36 2.60 -13.19
C PHE B 70 -7.79 3.89 -12.48
N GLU B 71 -7.84 3.84 -11.16
CA GLU B 71 -8.26 4.99 -10.32
C GLU B 71 -7.25 6.13 -10.40
N TYR B 72 -5.98 5.86 -10.69
CA TYR B 72 -4.92 6.90 -10.77
C TYR B 72 -4.79 7.44 -12.21
N TYR B 73 -4.68 6.56 -13.22
CA TYR B 73 -4.36 6.89 -14.63
C TYR B 73 -5.64 7.09 -15.47
N HIS B 74 -6.79 6.56 -15.01
CA HIS B 74 -8.10 6.62 -15.71
C HIS B 74 -8.04 5.87 -17.06
N THR B 75 -7.14 4.90 -17.18
CA THR B 75 -6.97 4.05 -18.39
C THR B 75 -6.81 2.57 -17.98
N THR B 76 -7.00 1.64 -18.93
CA THR B 76 -6.69 0.20 -18.76
C THR B 76 -5.84 -0.32 -19.94
N ASP B 77 -5.20 0.57 -20.70
CA ASP B 77 -4.27 0.20 -21.81
C ASP B 77 -3.09 -0.54 -21.18
N PRO B 78 -2.95 -1.87 -21.38
CA PRO B 78 -1.83 -2.63 -20.83
C PRO B 78 -0.47 -1.93 -21.00
N SER B 79 -0.22 -1.33 -22.17
CA SER B 79 1.11 -0.77 -22.54
C SER B 79 1.35 0.54 -21.80
N PHE B 80 0.31 1.12 -21.18
CA PHE B 80 0.33 2.53 -20.73
C PHE B 80 1.46 2.70 -19.71
N LEU B 81 1.57 1.75 -18.78
CA LEU B 81 2.50 1.87 -17.63
C LEU B 81 3.96 1.81 -18.14
N GLY B 82 4.23 0.85 -19.03
CA GLY B 82 5.54 0.67 -19.70
C GLY B 82 5.99 1.95 -20.39
N ARG B 83 5.13 2.50 -21.24
CA ARG B 83 5.39 3.75 -22.01
C ARG B 83 5.66 4.89 -21.04
N TYR B 84 4.89 4.97 -19.96
CA TYR B 84 5.07 6.05 -18.96
C TYR B 84 6.46 5.94 -18.34
N MET B 85 6.87 4.72 -17.97
CA MET B 85 8.21 4.50 -17.36
C MET B 85 9.31 4.80 -18.38
N SER B 86 9.12 4.37 -19.63
CA SER B 86 10.13 4.61 -20.70
C SER B 86 10.28 6.11 -20.93
N ALA B 87 9.15 6.83 -20.98
CA ALA B 87 9.15 8.30 -21.16
C ALA B 87 9.80 8.95 -19.94
N LEU B 88 9.47 8.46 -18.74
CA LEU B 88 9.97 9.01 -17.45
C LEU B 88 11.49 8.89 -17.39
N ASN B 89 12.05 7.80 -17.92
CA ASN B 89 13.52 7.56 -17.93
C ASN B 89 14.24 8.68 -18.69
N HIS B 90 13.63 9.20 -19.78
CA HIS B 90 14.23 10.31 -20.55
C HIS B 90 13.88 11.68 -19.91
N THR B 91 12.61 11.91 -19.59
CA THR B 91 12.15 13.24 -19.05
C THR B 91 12.84 13.58 -17.73
N LYS B 92 13.23 12.57 -16.95
CA LYS B 92 13.95 12.77 -15.66
C LYS B 92 15.33 13.41 -15.95
N LYS B 93 15.82 13.31 -17.19
CA LYS B 93 17.16 13.83 -17.58
C LYS B 93 17.01 15.22 -18.22
N TRP B 94 15.80 15.66 -18.58
CA TRP B 94 15.56 17.03 -19.09
C TRP B 94 15.77 18.02 -17.93
N LYS B 95 16.24 19.23 -18.27
CA LYS B 95 16.42 20.35 -17.33
C LYS B 95 15.13 21.17 -17.43
N TYR B 96 14.62 21.69 -16.31
CA TYR B 96 13.35 22.45 -16.35
C TYR B 96 13.59 23.82 -15.73
N PRO B 97 14.30 24.72 -16.44
CA PRO B 97 14.63 26.05 -15.93
C PRO B 97 13.37 26.91 -15.78
N GLN B 98 13.36 27.79 -14.78
CA GLN B 98 12.21 28.70 -14.59
C GLN B 98 12.44 29.91 -15.50
N VAL B 99 11.55 30.11 -16.48
CA VAL B 99 11.70 31.25 -17.42
C VAL B 99 10.47 32.15 -17.27
N ASN B 100 10.70 33.42 -16.91
CA ASN B 100 9.62 34.43 -16.72
C ASN B 100 8.62 33.97 -15.65
N GLY B 101 9.09 33.32 -14.58
CA GLY B 101 8.23 32.85 -13.48
C GLY B 101 7.40 31.63 -13.83
N LEU B 102 7.75 30.94 -14.93
CA LEU B 102 7.02 29.75 -15.42
C LEU B 102 8.03 28.62 -15.65
N THR B 103 7.56 27.37 -15.65
CA THR B 103 8.48 26.22 -15.88
C THR B 103 8.52 25.90 -17.38
N SER B 104 9.72 25.85 -17.93
CA SER B 104 9.98 25.55 -19.36
C SER B 104 10.88 24.31 -19.46
N ILE B 105 11.10 23.80 -20.67
CA ILE B 105 11.98 22.60 -20.79
C ILE B 105 13.17 22.91 -21.72
N LYS B 106 14.39 22.89 -21.18
CA LYS B 106 15.63 22.99 -22.00
C LYS B 106 15.47 22.03 -23.19
N TRP B 107 15.55 22.59 -24.40
CA TRP B 107 15.33 21.84 -25.65
C TRP B 107 16.15 20.55 -25.61
N ALA B 108 15.50 19.41 -25.90
CA ALA B 108 16.08 18.07 -26.16
C ALA B 108 14.99 17.19 -26.78
N ASP B 109 15.34 16.14 -27.52
CA ASP B 109 14.40 15.07 -27.98
C ASP B 109 13.09 15.69 -28.50
N ASN B 110 13.19 16.80 -29.24
CA ASN B 110 12.07 17.51 -29.91
C ASN B 110 10.96 17.91 -28.93
N ASN B 111 11.30 18.34 -27.70
CA ASN B 111 10.28 18.65 -26.66
C ASN B 111 9.79 20.09 -26.83
N CYS B 112 10.10 20.75 -27.95
CA CYS B 112 9.67 22.15 -28.18
C CYS B 112 8.15 22.23 -27.94
N TYR B 113 7.38 21.23 -28.39
CA TYR B 113 5.89 21.20 -28.31
C TYR B 113 5.43 20.83 -26.90
N LEU B 114 6.17 19.99 -26.17
CA LEU B 114 5.85 19.67 -24.76
C LEU B 114 6.07 20.90 -23.90
N ALA B 115 7.19 21.63 -24.07
CA ALA B 115 7.52 22.86 -23.31
C ALA B 115 6.43 23.93 -23.47
N THR B 116 5.90 24.07 -24.69
CA THR B 116 4.90 25.09 -25.08
C THR B 116 3.53 24.68 -24.55
N ALA B 117 3.21 23.38 -24.58
CA ALA B 117 1.98 22.84 -23.96
C ALA B 117 1.99 23.17 -22.47
N LEU B 118 3.12 22.90 -21.82
CA LEU B 118 3.36 23.07 -20.40
C LEU B 118 3.30 24.52 -19.94
N LEU B 119 3.89 25.42 -20.72
CA LEU B 119 3.87 26.84 -20.40
C LEU B 119 2.45 27.37 -20.46
N THR B 120 1.71 26.90 -21.44
CA THR B 120 0.32 27.25 -21.68
C THR B 120 -0.58 26.77 -20.54
N LEU B 121 -0.31 25.56 -20.05
CA LEU B 121 -1.06 24.94 -18.96
C LEU B 121 -0.95 25.72 -17.66
N GLN B 122 0.22 26.28 -17.41
CA GLN B 122 0.46 27.08 -16.24
C GLN B 122 -0.37 28.36 -16.30
N GLN B 123 -0.45 28.91 -17.51
CA GLN B 123 -1.23 30.11 -17.81
C GLN B 123 -2.76 30.02 -17.75
N ILE B 124 -3.33 28.89 -18.19
CA ILE B 124 -4.78 28.70 -18.21
C ILE B 124 -5.33 27.79 -17.11
N GLU B 125 -6.61 27.97 -16.79
CA GLU B 125 -7.27 27.22 -15.69
C GLU B 125 -7.75 25.87 -16.22
N LEU B 126 -7.05 24.79 -15.86
CA LEU B 126 -7.43 23.43 -16.32
C LEU B 126 -7.46 22.48 -15.10
N LYS B 127 -8.60 21.81 -14.87
CA LYS B 127 -8.69 20.87 -13.74
C LYS B 127 -8.62 19.45 -14.30
N PHE B 128 -7.56 18.71 -13.96
CA PHE B 128 -7.38 17.35 -14.49
C PHE B 128 -8.27 16.36 -13.73
N ASN B 129 -8.73 15.34 -14.45
CA ASN B 129 -9.58 14.24 -13.93
C ASN B 129 -8.69 13.12 -13.36
N PRO B 130 -7.72 12.55 -14.10
CA PRO B 130 -6.88 11.48 -13.56
C PRO B 130 -5.89 11.97 -12.51
N PRO B 131 -5.97 11.47 -11.26
CA PRO B 131 -5.10 11.97 -10.20
C PRO B 131 -3.61 12.02 -10.59
N ALA B 132 -3.17 11.10 -11.44
CA ALA B 132 -1.79 11.11 -11.97
C ALA B 132 -1.42 12.51 -12.53
N LEU B 133 -2.36 13.15 -13.22
CA LEU B 133 -2.14 14.46 -13.90
C LEU B 133 -2.37 15.60 -12.91
N GLN B 134 -3.44 15.57 -12.11
CA GLN B 134 -3.64 16.55 -11.01
C GLN B 134 -2.30 16.65 -10.27
N ASP B 135 -1.73 15.50 -9.86
CA ASP B 135 -0.56 15.36 -8.94
C ASP B 135 0.73 15.80 -9.64
N ALA B 136 0.98 15.27 -10.85
CA ALA B 136 2.23 15.51 -11.59
C ALA B 136 2.27 16.99 -11.99
N TYR B 137 1.12 17.55 -12.40
CA TYR B 137 0.98 18.98 -12.79
C TYR B 137 1.39 19.88 -11.62
N TYR B 138 0.95 19.57 -10.39
CA TYR B 138 1.25 20.35 -9.15
C TYR B 138 2.77 20.41 -8.97
N ARG B 139 3.44 19.26 -9.09
CA ARG B 139 4.92 19.17 -9.03
C ARG B 139 5.51 20.07 -10.12
N ALA B 140 4.98 19.99 -11.35
CA ALA B 140 5.45 20.72 -12.55
C ALA B 140 5.42 22.23 -12.30
N ARG B 141 4.31 22.77 -11.81
CA ARG B 141 4.14 24.22 -11.51
C ARG B 141 5.29 24.70 -10.64
N ALA B 142 5.95 23.78 -9.92
CA ALA B 142 7.03 24.09 -8.95
C ALA B 142 8.40 23.69 -9.51
N GLY B 143 8.49 23.22 -10.75
CA GLY B 143 9.79 22.86 -11.36
C GLY B 143 9.97 21.38 -11.65
N GLU B 144 9.28 20.50 -10.92
CA GLU B 144 9.39 19.03 -11.14
C GLU B 144 8.39 18.60 -12.22
N ALA B 145 8.66 18.93 -13.48
CA ALA B 145 7.72 18.64 -14.59
C ALA B 145 8.05 17.31 -15.27
N ALA B 146 9.06 16.58 -14.78
CA ALA B 146 9.48 15.31 -15.43
C ALA B 146 8.36 14.28 -15.46
N ASN B 147 7.63 14.11 -14.35
CA ASN B 147 6.51 13.13 -14.30
C ASN B 147 5.36 13.59 -15.21
N PHE B 148 5.05 14.88 -15.21
CA PHE B 148 3.95 15.43 -16.04
C PHE B 148 4.28 15.25 -17.53
N CYS B 149 5.51 15.54 -17.92
CA CYS B 149 5.95 15.41 -19.34
C CYS B 149 5.88 13.94 -19.76
N ALA B 150 6.31 13.04 -18.89
CA ALA B 150 6.26 11.58 -19.15
C ALA B 150 4.81 11.15 -19.30
N LEU B 151 3.92 11.68 -18.46
CA LEU B 151 2.48 11.32 -18.52
C LEU B 151 1.87 11.83 -19.84
N ILE B 152 2.14 13.09 -20.19
CA ILE B 152 1.63 13.65 -21.47
C ILE B 152 2.06 12.70 -22.59
N LEU B 153 3.37 12.43 -22.74
CA LEU B 153 3.91 11.52 -23.79
C LEU B 153 3.14 10.20 -23.83
N ALA B 154 2.91 9.60 -22.65
CA ALA B 154 2.17 8.33 -22.46
C ALA B 154 0.72 8.50 -22.93
N TYR B 155 -0.04 9.40 -22.31
CA TYR B 155 -1.46 9.61 -22.68
C TYR B 155 -1.57 9.80 -24.20
N CYS B 156 -0.74 10.68 -24.78
CA CYS B 156 -0.78 11.10 -26.21
C CYS B 156 -0.12 10.07 -27.15
N ASN B 157 0.36 8.92 -26.62
CA ASN B 157 0.92 7.78 -27.39
C ASN B 157 2.02 8.30 -28.32
N LYS B 158 2.93 9.13 -27.81
CA LYS B 158 4.11 9.65 -28.56
C LYS B 158 5.39 9.04 -28.00
N THR B 159 6.36 8.69 -28.85
CA THR B 159 7.71 8.27 -28.40
C THR B 159 8.55 9.51 -28.16
N VAL B 160 9.53 9.42 -27.25
CA VAL B 160 10.54 10.49 -27.01
C VAL B 160 11.28 10.72 -28.33
N GLY B 161 11.62 11.99 -28.60
CA GLY B 161 12.31 12.41 -29.85
C GLY B 161 11.35 12.69 -31.00
N GLU B 162 10.15 12.13 -30.96
CA GLU B 162 9.06 12.42 -31.92
C GLU B 162 8.56 13.84 -31.64
N LEU B 163 8.44 14.69 -32.66
CA LEU B 163 7.85 16.06 -32.55
C LEU B 163 6.31 15.98 -32.68
N GLY B 164 5.58 16.69 -31.82
CA GLY B 164 4.11 16.61 -31.73
C GLY B 164 3.40 17.94 -31.98
N ASP B 165 2.12 17.86 -32.38
CA ASP B 165 1.21 19.02 -32.66
C ASP B 165 0.69 19.54 -31.33
N VAL B 166 0.98 20.80 -30.99
CA VAL B 166 0.57 21.38 -29.68
C VAL B 166 -0.96 21.32 -29.57
N ARG B 167 -1.70 21.59 -30.66
CA ARG B 167 -3.20 21.59 -30.70
C ARG B 167 -3.77 20.17 -30.42
N GLU B 168 -3.09 19.11 -30.87
CA GLU B 168 -3.50 17.70 -30.65
C GLU B 168 -3.19 17.35 -29.19
N THR B 169 -1.97 17.68 -28.75
CA THR B 169 -1.44 17.48 -27.36
C THR B 169 -2.42 18.11 -26.37
N MET B 170 -2.92 19.31 -26.68
CA MET B 170 -3.87 20.03 -25.81
C MET B 170 -5.25 19.36 -25.93
N SER B 171 -5.74 19.08 -27.13
CA SER B 171 -7.04 18.38 -27.29
C SER B 171 -7.06 17.13 -26.41
N TYR B 172 -6.03 16.30 -26.50
CA TYR B 172 -5.87 15.10 -25.64
C TYR B 172 -6.03 15.52 -24.17
N LEU B 173 -5.30 16.54 -23.72
CA LEU B 173 -5.25 16.97 -22.29
C LEU B 173 -6.62 17.50 -21.85
N PHE B 174 -7.39 18.09 -22.78
CA PHE B 174 -8.76 18.60 -22.54
C PHE B 174 -9.76 17.43 -22.47
N GLN B 175 -9.44 16.26 -23.05
CA GLN B 175 -10.29 15.05 -22.96
C GLN B 175 -10.12 14.44 -21.56
N HIS B 176 -9.10 14.90 -20.82
CA HIS B 176 -8.79 14.38 -19.46
C HIS B 176 -8.90 15.48 -18.41
N ALA B 177 -9.65 16.54 -18.71
CA ALA B 177 -9.83 17.66 -17.76
C ALA B 177 -11.32 17.94 -17.60
N ASN B 178 -11.71 18.60 -16.51
CA ASN B 178 -13.17 18.87 -16.27
C ASN B 178 -13.55 20.14 -17.03
N LEU B 179 -14.31 19.97 -18.11
CA LEU B 179 -14.79 21.08 -18.98
C LEU B 179 -16.30 20.97 -19.18
N ASP B 180 -17.00 20.32 -18.24
CA ASP B 180 -18.47 20.10 -18.35
C ASP B 180 -19.22 21.44 -18.36
N SER B 181 -18.76 22.41 -17.57
CA SER B 181 -19.40 23.76 -17.46
C SER B 181 -19.22 24.57 -18.75
N CYS B 182 -18.18 24.29 -19.53
CA CYS B 182 -17.89 25.07 -20.77
C CYS B 182 -19.05 24.99 -21.75
N LYS B 183 -19.44 26.14 -22.31
CA LYS B 183 -20.58 26.24 -23.26
C LYS B 183 -20.24 27.24 -24.37
N ARG B 184 -20.63 26.93 -25.61
CA ARG B 184 -20.38 27.78 -26.79
C ARG B 184 -21.65 27.77 -27.61
N VAL B 185 -22.20 28.93 -27.97
CA VAL B 185 -23.40 29.03 -28.85
C VAL B 185 -22.98 29.71 -30.17
N LEU B 186 -23.00 28.96 -31.26
CA LEU B 186 -22.69 29.45 -32.62
C LEU B 186 -24.01 29.70 -33.31
N ASN B 187 -24.03 30.72 -34.17
CA ASN B 187 -25.13 30.97 -35.13
C ASN B 187 -24.50 30.97 -36.53
N VAL B 188 -25.16 30.31 -37.47
CA VAL B 188 -24.72 30.25 -38.89
C VAL B 188 -25.83 30.91 -39.69
N VAL B 189 -25.46 31.92 -40.48
CA VAL B 189 -26.42 32.74 -41.26
C VAL B 189 -26.14 32.61 -42.75
N CYS B 190 -27.19 32.31 -43.52
CA CYS B 190 -27.12 32.19 -44.99
C CYS B 190 -28.18 33.13 -45.56
N LYS B 191 -27.92 33.76 -46.71
CA LYS B 191 -28.90 34.72 -47.28
C LYS B 191 -30.22 34.00 -47.59
N THR B 192 -30.15 32.78 -48.11
CA THR B 192 -31.39 32.01 -48.44
C THR B 192 -31.73 30.98 -47.35
N CYS B 193 -30.72 30.24 -46.86
CA CYS B 193 -30.95 29.13 -45.89
C CYS B 193 -31.54 29.59 -44.54
N GLY B 194 -31.13 30.74 -44.02
CA GLY B 194 -31.68 31.20 -42.71
C GLY B 194 -30.68 31.08 -41.58
N GLN B 195 -31.14 31.27 -40.34
CA GLN B 195 -30.25 31.23 -39.15
C GLN B 195 -30.47 29.96 -38.31
N GLN B 196 -29.45 29.11 -38.25
CA GLN B 196 -29.37 27.86 -37.46
C GLN B 196 -28.41 28.08 -36.27
N GLN B 197 -28.86 27.81 -35.04
CA GLN B 197 -28.05 27.97 -33.80
C GLN B 197 -27.69 26.60 -33.22
N THR B 198 -26.41 26.39 -32.89
CA THR B 198 -25.83 25.12 -32.37
C THR B 198 -25.22 25.36 -30.99
N THR B 199 -25.33 24.41 -30.07
CA THR B 199 -24.63 24.52 -28.78
C THR B 199 -23.53 23.47 -28.73
N LEU B 200 -22.34 23.88 -28.29
CA LEU B 200 -21.12 23.04 -28.13
C LEU B 200 -20.77 23.03 -26.65
N LYS B 201 -20.54 21.83 -26.09
CA LYS B 201 -20.19 21.60 -24.66
C LYS B 201 -18.86 20.87 -24.64
N GLY B 202 -18.10 20.95 -23.56
CA GLY B 202 -16.87 20.15 -23.33
C GLY B 202 -15.68 20.67 -24.12
N VAL B 203 -14.89 19.79 -24.73
CA VAL B 203 -13.66 20.18 -25.50
C VAL B 203 -14.04 21.17 -26.62
N GLU B 204 -15.20 20.94 -27.26
CA GLU B 204 -15.59 21.55 -28.56
C GLU B 204 -16.04 23.00 -28.33
N ALA B 205 -16.20 23.39 -27.06
CA ALA B 205 -16.65 24.73 -26.62
C ALA B 205 -15.45 25.67 -26.45
N VAL B 206 -14.24 25.12 -26.27
CA VAL B 206 -13.03 25.96 -25.98
C VAL B 206 -12.06 25.94 -27.17
N MET B 207 -12.39 25.21 -28.24
CA MET B 207 -11.43 25.06 -29.37
C MET B 207 -12.08 25.35 -30.73
N TYR B 208 -11.44 26.19 -31.54
CA TYR B 208 -11.89 26.46 -32.93
C TYR B 208 -10.69 26.40 -33.88
N MET B 209 -10.84 25.70 -35.02
CA MET B 209 -9.75 25.60 -36.02
C MET B 209 -10.18 26.33 -37.30
N GLY B 210 -9.33 27.22 -37.81
CA GLY B 210 -9.61 27.99 -39.04
C GLY B 210 -9.41 29.49 -38.88
N THR B 211 -9.33 29.97 -37.64
CA THR B 211 -9.03 31.41 -37.39
C THR B 211 -8.23 31.53 -36.09
N LEU B 212 -7.30 32.49 -36.02
CA LEU B 212 -6.47 32.69 -34.80
C LEU B 212 -7.00 33.90 -34.02
N SER B 213 -8.03 34.56 -34.56
CA SER B 213 -8.53 35.81 -33.92
C SER B 213 -9.85 35.60 -33.18
N TYR B 214 -9.83 35.80 -31.86
CA TYR B 214 -11.08 35.73 -31.06
C TYR B 214 -12.03 36.81 -31.58
N GLU B 215 -11.52 38.01 -31.87
CA GLU B 215 -12.36 39.14 -32.39
C GLU B 215 -13.06 38.72 -33.68
N GLN B 216 -12.34 38.07 -34.61
CA GLN B 216 -12.86 37.71 -35.96
C GLN B 216 -14.02 36.71 -35.79
N PHE B 217 -13.88 35.76 -34.85
CA PHE B 217 -14.86 34.68 -34.56
C PHE B 217 -16.15 35.30 -34.05
N LYS B 218 -16.05 36.44 -33.37
CA LYS B 218 -17.20 37.24 -32.83
C LYS B 218 -17.90 37.99 -33.96
N LYS B 219 -17.13 38.66 -34.83
CA LYS B 219 -17.70 39.41 -35.98
C LYS B 219 -18.29 38.42 -36.99
N GLY B 220 -17.88 37.16 -36.89
CA GLY B 220 -18.33 36.09 -37.81
C GLY B 220 -17.30 35.76 -38.86
N VAL B 221 -17.23 34.48 -39.26
CA VAL B 221 -16.23 34.03 -40.27
C VAL B 221 -16.98 33.30 -41.40
N GLN B 222 -16.69 33.64 -42.65
CA GLN B 222 -17.36 32.98 -43.79
C GLN B 222 -16.95 31.50 -43.83
N ILE B 223 -17.93 30.61 -43.99
CA ILE B 223 -17.67 29.15 -44.04
C ILE B 223 -18.41 28.60 -45.26
N PRO B 224 -17.86 27.63 -46.03
CA PRO B 224 -18.57 27.14 -47.21
C PRO B 224 -19.82 26.38 -46.76
N CYS B 225 -20.98 26.82 -47.24
CA CYS B 225 -22.29 26.17 -46.90
C CYS B 225 -22.51 24.99 -47.84
N THR B 226 -23.47 24.12 -47.49
CA THR B 226 -23.80 22.95 -48.34
C THR B 226 -24.23 23.46 -49.72
N CYS B 227 -25.12 24.46 -49.76
CA CYS B 227 -25.65 24.99 -51.04
C CYS B 227 -24.50 25.38 -51.98
N GLY B 228 -23.42 25.92 -51.43
CA GLY B 228 -22.29 26.40 -52.26
C GLY B 228 -22.15 27.90 -52.17
N LYS B 229 -23.01 28.53 -51.35
CA LYS B 229 -22.96 29.99 -51.08
C LYS B 229 -22.28 30.14 -49.72
N GLN B 230 -21.16 30.87 -49.65
CA GLN B 230 -20.45 30.99 -48.35
C GLN B 230 -21.40 31.62 -47.33
N ALA B 231 -21.44 31.07 -46.11
CA ALA B 231 -22.32 31.60 -45.05
C ALA B 231 -21.47 32.11 -43.88
N THR B 232 -22.05 32.96 -43.04
CA THR B 232 -21.36 33.52 -41.85
C THR B 232 -21.58 32.59 -40.66
N LYS B 233 -20.51 32.16 -40.00
CA LYS B 233 -20.54 31.47 -38.68
C LYS B 233 -19.99 32.44 -37.64
N TYR B 234 -20.78 32.84 -36.65
CA TYR B 234 -20.35 33.84 -35.65
C TYR B 234 -20.69 33.33 -34.25
N LEU B 235 -19.99 33.88 -33.26
CA LEU B 235 -20.03 33.44 -31.84
C LEU B 235 -21.09 34.24 -31.07
N VAL B 236 -22.14 33.56 -30.62
CA VAL B 236 -23.33 34.14 -29.91
C VAL B 236 -23.07 34.17 -28.40
N GLN B 237 -22.32 33.20 -27.85
CA GLN B 237 -22.06 33.13 -26.40
C GLN B 237 -20.95 32.11 -26.11
N GLN B 238 -20.15 32.37 -25.07
CA GLN B 238 -18.99 31.52 -24.66
C GLN B 238 -18.86 31.54 -23.13
N GLU B 239 -19.27 30.45 -22.48
CA GLU B 239 -19.06 30.16 -21.03
C GLU B 239 -17.84 29.25 -20.89
N SER B 240 -16.67 29.81 -20.58
CA SER B 240 -15.42 29.04 -20.34
C SER B 240 -14.36 29.94 -19.73
N PRO B 241 -13.37 29.37 -19.01
CA PRO B 241 -12.23 30.14 -18.52
C PRO B 241 -11.32 30.67 -19.62
N PHE B 242 -11.30 30.01 -20.78
CA PHE B 242 -10.43 30.37 -21.94
C PHE B 242 -11.07 29.88 -23.25
N VAL B 243 -10.43 30.22 -24.37
CA VAL B 243 -10.70 29.61 -25.70
C VAL B 243 -9.35 29.40 -26.37
N MET B 244 -9.26 28.37 -27.22
CA MET B 244 -8.08 28.08 -28.05
C MET B 244 -8.47 28.31 -29.52
N MET B 245 -7.98 29.40 -30.09
CA MET B 245 -8.18 29.75 -31.52
C MET B 245 -6.98 29.22 -32.30
N SER B 246 -7.17 28.15 -33.09
CA SER B 246 -6.08 27.47 -33.83
C SER B 246 -6.30 27.71 -35.32
N ALA B 247 -5.23 27.74 -36.12
CA ALA B 247 -5.29 27.75 -37.60
C ALA B 247 -3.91 27.45 -38.16
N PRO B 248 -3.79 27.12 -39.47
CA PRO B 248 -2.55 26.60 -40.03
C PRO B 248 -1.54 27.72 -40.13
N PRO B 249 -0.27 27.55 -39.71
CA PRO B 249 0.64 28.65 -39.48
C PRO B 249 0.63 29.76 -40.55
N ALA B 250 0.43 31.01 -40.13
CA ALA B 250 0.41 32.18 -41.01
C ALA B 250 1.13 33.32 -40.28
N GLN B 251 1.76 34.24 -41.03
CA GLN B 251 2.20 35.54 -40.49
C GLN B 251 1.02 36.14 -39.71
N TYR B 252 1.23 36.39 -38.41
CA TYR B 252 0.27 37.00 -37.46
C TYR B 252 1.03 37.98 -36.57
N GLU B 253 0.44 39.15 -36.31
CA GLU B 253 1.08 40.12 -35.38
C GLU B 253 0.35 40.02 -34.04
N LEU B 254 1.10 39.85 -32.94
CA LEU B 254 0.50 39.75 -31.59
C LEU B 254 0.72 41.07 -30.84
N LYS B 255 -0.36 41.66 -30.34
CA LYS B 255 -0.31 42.95 -29.59
C LYS B 255 -0.47 42.64 -28.10
N HIS B 256 0.35 43.25 -27.25
CA HIS B 256 0.32 43.00 -25.79
C HIS B 256 -1.05 43.34 -25.20
N GLY B 257 -1.56 42.47 -24.33
CA GLY B 257 -2.83 42.63 -23.60
C GLY B 257 -4.05 42.20 -24.40
N THR B 258 -3.86 41.78 -25.65
CA THR B 258 -5.00 41.37 -26.51
C THR B 258 -5.14 39.84 -26.51
N PHE B 259 -4.23 39.15 -25.82
CA PHE B 259 -4.25 37.66 -25.78
C PHE B 259 -3.52 37.18 -24.52
N THR B 260 -3.69 35.90 -24.18
CA THR B 260 -3.00 35.31 -23.00
C THR B 260 -1.63 34.81 -23.46
N CYS B 261 -1.62 33.94 -24.47
CA CYS B 261 -0.37 33.36 -25.04
C CYS B 261 -0.66 32.69 -26.37
N ALA B 262 0.38 32.43 -27.17
CA ALA B 262 0.28 31.85 -28.53
C ALA B 262 1.45 30.90 -28.83
N SER B 263 1.20 29.85 -29.64
CA SER B 263 2.23 28.94 -30.22
C SER B 263 2.72 29.57 -31.53
N GLU B 264 4.03 29.74 -31.64
CA GLU B 264 4.62 30.21 -32.92
C GLU B 264 5.27 28.97 -33.56
N TYR B 265 4.77 28.56 -34.73
CA TYR B 265 5.36 27.38 -35.39
C TYR B 265 6.06 27.85 -36.67
N THR B 266 7.37 27.64 -36.72
CA THR B 266 8.20 27.97 -37.91
C THR B 266 8.66 26.65 -38.54
N GLY B 267 9.05 26.68 -39.82
CA GLY B 267 9.49 25.45 -40.49
C GLY B 267 8.34 24.74 -41.17
N ASN B 268 8.63 23.58 -41.77
CA ASN B 268 7.63 22.79 -42.54
C ASN B 268 6.79 21.89 -41.62
N TYR B 269 5.70 21.35 -42.16
CA TYR B 269 4.75 20.50 -41.42
C TYR B 269 5.43 19.21 -40.95
N GLN B 270 5.31 18.94 -39.64
CA GLN B 270 5.79 17.74 -38.89
C GLN B 270 7.31 17.76 -38.62
N CYS B 271 8.02 18.81 -39.04
CA CYS B 271 9.48 18.90 -38.80
C CYS B 271 9.84 20.30 -38.30
N GLY B 272 8.83 21.08 -37.90
CA GLY B 272 9.01 22.48 -37.45
C GLY B 272 9.46 22.64 -36.01
N HIS B 273 9.77 23.89 -35.64
CA HIS B 273 10.18 24.27 -34.26
C HIS B 273 9.04 25.07 -33.62
N TYR B 274 8.82 24.90 -32.31
CA TYR B 274 7.73 25.60 -31.59
C TYR B 274 8.30 26.60 -30.58
N LYS B 275 7.78 27.84 -30.62
CA LYS B 275 8.12 28.86 -29.60
C LYS B 275 6.83 29.29 -28.89
N HIS B 276 6.96 29.67 -27.63
CA HIS B 276 5.83 30.15 -26.78
C HIS B 276 5.92 31.66 -26.59
N ILE B 277 4.91 32.41 -27.05
CA ILE B 277 4.78 33.88 -26.78
C ILE B 277 3.71 34.09 -25.71
N THR B 278 4.05 34.64 -24.55
CA THR B 278 3.06 34.95 -23.48
C THR B 278 2.97 36.47 -23.36
N SER B 279 1.78 37.04 -23.13
CA SER B 279 1.59 38.50 -22.89
C SER B 279 1.61 38.80 -21.39
N LYS B 280 2.55 39.63 -20.95
CA LYS B 280 2.67 40.13 -19.55
C LYS B 280 2.77 41.66 -19.61
N GLU B 281 3.82 42.26 -19.03
CA GLU B 281 4.03 43.74 -19.06
C GLU B 281 4.44 44.15 -20.49
N THR B 282 5.28 43.33 -21.12
CA THR B 282 5.49 43.31 -22.59
C THR B 282 5.28 41.87 -23.07
N LEU B 283 5.65 41.56 -24.32
CA LEU B 283 5.45 40.17 -24.83
C LEU B 283 6.72 39.37 -24.57
N TYR B 284 6.56 38.17 -24.00
CA TYR B 284 7.73 37.32 -23.70
C TYR B 284 7.73 36.12 -24.65
N CYS B 285 8.85 35.92 -25.36
CA CYS B 285 8.96 34.76 -26.27
C CYS B 285 9.76 33.69 -25.55
N ILE B 286 9.14 32.54 -25.26
CA ILE B 286 9.86 31.47 -24.53
C ILE B 286 10.22 30.37 -25.54
N ASP B 287 11.51 30.08 -25.64
CA ASP B 287 12.07 29.09 -26.59
C ASP B 287 12.92 28.12 -25.77
N GLY B 288 12.27 27.15 -25.11
CA GLY B 288 13.04 26.26 -24.22
C GLY B 288 13.60 27.05 -23.06
N ALA B 289 14.92 27.06 -22.90
CA ALA B 289 15.58 27.82 -21.82
C ALA B 289 15.92 29.23 -22.28
N LEU B 290 15.60 29.56 -23.54
CA LEU B 290 15.93 30.88 -24.13
C LEU B 290 14.71 31.81 -24.07
N LEU B 291 14.91 33.04 -23.60
CA LEU B 291 13.81 34.03 -23.50
C LEU B 291 14.21 35.34 -24.20
N THR B 292 13.31 35.86 -25.05
CA THR B 292 13.52 37.17 -25.72
C THR B 292 12.28 38.03 -25.43
N LYS B 293 12.44 39.35 -25.38
CA LYS B 293 11.31 40.25 -25.04
C LYS B 293 11.15 41.31 -26.14
N SER B 294 9.90 41.56 -26.56
CA SER B 294 9.60 42.57 -27.61
C SER B 294 8.22 43.18 -27.38
N SER B 295 8.06 44.47 -27.68
CA SER B 295 6.80 45.21 -27.50
C SER B 295 5.74 44.67 -28.48
N GLU B 296 6.16 44.36 -29.72
CA GLU B 296 5.32 43.74 -30.78
C GLU B 296 5.89 42.36 -31.14
N TYR B 297 5.10 41.51 -31.79
CA TYR B 297 5.54 40.17 -32.27
C TYR B 297 4.77 39.76 -33.52
N LYS B 298 5.52 39.60 -34.62
CA LYS B 298 5.04 39.13 -35.95
C LYS B 298 5.77 37.82 -36.27
N GLY B 299 5.03 36.72 -36.36
CA GLY B 299 5.63 35.39 -36.66
C GLY B 299 4.57 34.43 -37.16
N PRO B 300 4.92 33.22 -37.63
CA PRO B 300 3.89 32.28 -38.07
C PRO B 300 3.31 31.69 -36.78
N ILE B 301 2.03 32.00 -36.51
CA ILE B 301 1.33 31.57 -35.27
C ILE B 301 0.20 30.63 -35.65
N THR B 302 0.14 29.46 -35.00
CA THR B 302 -0.93 28.48 -35.30
C THR B 302 -1.91 28.38 -34.12
N ASP B 303 -1.48 28.77 -32.92
CA ASP B 303 -2.36 28.64 -31.72
C ASP B 303 -2.41 29.95 -30.92
N VAL B 304 -3.62 30.41 -30.60
CA VAL B 304 -3.79 31.63 -29.75
C VAL B 304 -4.86 31.35 -28.69
N PHE B 305 -4.46 31.43 -27.42
CA PHE B 305 -5.35 31.24 -26.25
C PHE B 305 -5.74 32.62 -25.71
N TYR B 306 -7.02 32.81 -25.42
CA TYR B 306 -7.55 34.03 -24.75
C TYR B 306 -8.33 33.60 -23.51
N LYS B 307 -8.21 34.33 -22.40
CA LYS B 307 -9.01 34.06 -21.18
C LYS B 307 -10.43 34.56 -21.41
N GLU B 308 -11.38 34.05 -20.64
CA GLU B 308 -12.82 34.38 -20.78
C GLU B 308 -13.53 34.07 -19.44
N ASN B 309 -14.78 34.48 -19.31
CA ASN B 309 -15.68 33.98 -18.26
C ASN B 309 -17.01 33.68 -18.95
N SER B 310 -17.81 34.72 -19.14
CA SER B 310 -19.02 34.70 -19.99
C SER B 310 -18.90 35.85 -20.97
N TYR B 311 -19.11 35.56 -22.24
CA TYR B 311 -19.30 36.52 -23.35
C TYR B 311 -20.73 36.31 -23.90
N THR B 312 -21.46 37.39 -24.18
CA THR B 312 -22.68 37.35 -25.02
C THR B 312 -22.56 38.44 -26.09
N THR B 313 -23.04 38.17 -27.30
CA THR B 313 -22.82 39.02 -28.50
C THR B 313 -23.85 40.15 -28.48
N THR B 314 -23.47 41.32 -29.02
CA THR B 314 -24.36 42.50 -29.26
C THR B 314 -25.02 42.40 -30.66
N ILE B 315 -24.62 41.42 -31.48
CA ILE B 315 -25.20 41.12 -32.82
C ILE B 315 -26.51 40.35 -32.63
N LYS B 316 -27.62 40.86 -33.17
CA LYS B 316 -28.99 40.26 -33.04
C LYS B 316 -29.24 39.28 -34.19
C01 XR8 C . -1.61 -23.88 36.05
C02 XR8 C . -2.57 -23.08 36.93
N03 XR8 C . -3.35 -22.14 36.13
C04 XR8 C . -4.07 -20.97 36.75
C05 XR8 C . -4.93 -19.90 35.90
C06 XR8 C . -4.19 -18.75 35.58
C07 XR8 C . -2.69 -18.60 35.99
C08 XR8 C . -4.75 -17.73 34.90
C09 XR8 C . -6.05 -17.79 34.50
C10 XR8 C . -6.85 -18.91 34.77
N11 XR8 C . -8.26 -18.72 34.26
C12 XR8 C . -9.19 -19.70 33.79
C13 XR8 C . -8.70 -20.73 32.86
N14 XR8 C . -9.43 -20.01 31.79
C15 XR8 C . -10.04 -19.07 32.72
C16 XR8 C . -6.27 -19.97 35.49
O17 XR8 C . -3.93 -20.76 37.92
C18 XR8 C . -3.59 -23.95 37.71
C19 XR8 C . -3.49 -24.02 39.11
C20 XR8 C . -4.45 -24.70 39.83
C21 XR8 C . -4.35 -24.81 41.37
C22 XR8 C . -5.39 -25.05 42.33
C23 XR8 C . -4.75 -25.12 43.76
C24 XR8 C . -3.33 -24.93 43.68
C25 XR8 C . -2.27 -24.98 44.83
N26 XR8 C . -1.61 -26.00 44.70
C27 XR8 C . -0.24 -25.90 43.86
C28 XR8 C . 0.57 -26.89 44.27
C29 XR8 C . -0.08 -27.55 45.43
C30 XR8 C . -1.35 -26.69 45.76
S31 XR8 C . -2.91 -24.68 42.11
C32 XR8 C . -5.46 -25.40 39.14
C33 XR8 C . -5.57 -25.32 37.76
C34 XR8 C . -4.64 -24.60 37.04
ZN ZN D . -18.15 -49.07 32.72
S SO4 E . -6.81 -19.25 11.66
O1 SO4 E . -7.38 -18.94 10.38
O2 SO4 E . -6.32 -20.60 11.60
O3 SO4 E . -7.82 -19.14 12.67
O4 SO4 E . -5.75 -18.34 11.97
B BO3 F . 9.08 -34.42 14.37
O1 BO3 F . 8.60 -34.50 15.64
O2 BO3 F . 9.67 -35.48 13.77
O3 BO3 F . 9.00 -33.24 13.71
B BO3 G . -10.56 -5.71 12.36
O1 BO3 G . -10.29 -5.71 13.70
O2 BO3 G . -10.84 -4.54 11.72
O3 BO3 G . -10.54 -6.88 11.66
S SO4 H . 4.67 5.92 23.52
O1 SO4 H . 3.94 4.69 23.29
O2 SO4 H . 6.07 5.61 23.61
O3 SO4 H . 4.23 6.50 24.76
O4 SO4 H . 4.42 6.83 22.43
B BO3 I . 9.29 -17.86 32.59
O1 BO3 I . 10.55 -17.88 32.08
O2 BO3 I . 9.01 -17.23 33.78
O3 BO3 I . 8.30 -18.49 31.90
C01 XR8 J . 0.95 23.43 -36.34
C02 XR8 J . 1.60 22.46 -37.30
N03 XR8 J . 1.54 21.12 -36.76
C04 XR8 J . 2.31 20.02 -37.40
C05 XR8 J . 2.29 18.54 -36.83
C06 XR8 J . 3.35 18.27 -35.95
C07 XR8 J . 4.42 19.38 -35.62
C08 XR8 J . 3.50 17.06 -35.37
C09 XR8 J . 2.59 16.08 -35.61
C10 XR8 J . 1.51 16.30 -36.48
N11 XR8 J . 0.63 15.06 -36.63
C12 XR8 J . -0.59 15.01 -37.38
C13 XR8 J . -1.38 13.85 -36.93
N14 XR8 J . -2.10 14.84 -36.11
C15 XR8 J . -1.64 15.96 -36.92
C16 XR8 J . 1.37 17.55 -37.10
O17 XR8 J . 3.01 20.30 -38.30
C18 XR8 J . 0.90 22.52 -38.70
C19 XR8 J . 1.61 23.03 -39.77
C20 XR8 J . 1.06 23.03 -41.04
C21 XR8 J . 1.90 23.62 -42.23
C22 XR8 J . 1.72 23.38 -43.64
C23 XR8 J . 2.77 24.22 -44.45
C24 XR8 J . 3.59 24.96 -43.53
C25 XR8 J . 4.73 25.98 -43.87
N26 XR8 J . 4.39 27.04 -43.37
C27 XR8 J . 5.50 28.21 -43.33
C28 XR8 J . 4.88 29.35 -43.02
C29 XR8 J . 3.54 29.18 -43.65
C30 XR8 J . 3.31 27.62 -43.79
S31 XR8 J . 3.15 24.66 -41.98
C32 XR8 J . -0.28 22.59 -41.23
C33 XR8 J . -1.00 22.09 -40.16
C34 XR8 J . -0.42 22.05 -38.90
ZN ZN K . -26.71 27.94 -47.15
S SO4 L . -10.89 11.17 -17.72
O1 SO4 L . -9.69 10.38 -17.67
O2 SO4 L . -11.75 10.63 -18.74
O3 SO4 L . -10.52 12.51 -18.00
O4 SO4 L . -11.59 11.18 -16.46
C1 GOL M . -3.09 1.21 -16.53
O1 GOL M . -4.50 1.06 -16.38
C2 GOL M . -2.50 -0.02 -17.20
O2 GOL M . -1.07 0.03 -17.10
C3 GOL M . -3.07 -1.30 -16.62
O3 GOL M . -2.24 -2.43 -16.88
C1 GOL N . -4.55 38.83 -31.17
O1 GOL N . -5.86 38.26 -31.22
C2 GOL N . -4.55 40.20 -31.81
O2 GOL N . -3.20 40.68 -31.92
C3 GOL N . -5.23 40.21 -33.15
O3 GOL N . -6.05 41.36 -33.35
B BO3 O . 11.42 11.21 -11.10
O1 BO3 O . 12.26 10.16 -11.33
O2 BO3 O . 11.79 12.48 -11.40
O3 BO3 O . 10.19 10.99 -10.55
S SO4 P . 24.98 -2.18 -4.65
O1 SO4 P . 24.37 -1.09 -5.42
O2 SO4 P . 25.91 -2.90 -5.52
O3 SO4 P . 23.95 -3.10 -4.18
O4 SO4 P . 25.68 -1.63 -3.49
#